data_1OKH
# 
_entry.id   1OKH 
# 
_audit_conform.dict_name       mmcif_pdbx.dic 
_audit_conform.dict_version    5.398 
_audit_conform.dict_location   http://mmcif.pdb.org/dictionaries/ascii/mmcif_pdbx.dic 
# 
loop_
_database_2.database_id 
_database_2.database_code 
_database_2.pdbx_database_accession 
_database_2.pdbx_DOI 
PDB   1OKH         pdb_00001okh 10.2210/pdb1okh/pdb 
PDBE  EBI-13163    ?            ?                   
WWPDB D_1290013163 ?            ?                   
# 
loop_
_pdbx_audit_revision_history.ordinal 
_pdbx_audit_revision_history.data_content_type 
_pdbx_audit_revision_history.major_revision 
_pdbx_audit_revision_history.minor_revision 
_pdbx_audit_revision_history.revision_date 
1 'Structure model' 1 0 2003-12-04 
2 'Structure model' 1 1 2016-12-14 
3 'Structure model' 1 2 2019-05-22 
4 'Structure model' 1 3 2019-07-24 
5 'Structure model' 1 4 2024-11-13 
# 
_pdbx_audit_revision_details.ordinal             1 
_pdbx_audit_revision_details.revision_ordinal    1 
_pdbx_audit_revision_details.data_content_type   'Structure model' 
_pdbx_audit_revision_details.provider            repository 
_pdbx_audit_revision_details.type                'Initial release' 
_pdbx_audit_revision_details.description         ? 
_pdbx_audit_revision_details.details             ? 
# 
loop_
_pdbx_audit_revision_group.ordinal 
_pdbx_audit_revision_group.revision_ordinal 
_pdbx_audit_revision_group.data_content_type 
_pdbx_audit_revision_group.group 
1  2 'Structure model' 'Data collection'           
2  2 'Structure model' 'Database references'       
3  2 'Structure model' 'Derived calculations'      
4  2 'Structure model' 'Non-polymer description'   
5  2 'Structure model' Other                       
6  2 'Structure model' 'Version format compliance' 
7  3 'Structure model' 'Data collection'           
8  3 'Structure model' Other                       
9  3 'Structure model' 'Refinement description'    
10 4 'Structure model' 'Data collection'           
11 5 'Structure model' 'Data collection'           
12 5 'Structure model' 'Database references'       
13 5 'Structure model' 'Derived calculations'      
14 5 'Structure model' Other                       
15 5 'Structure model' 'Structure summary'         
# 
loop_
_pdbx_audit_revision_category.ordinal 
_pdbx_audit_revision_category.revision_ordinal 
_pdbx_audit_revision_category.data_content_type 
_pdbx_audit_revision_category.category 
1  3 'Structure model' pdbx_database_proc        
2  3 'Structure model' pdbx_database_status      
3  3 'Structure model' refine                    
4  4 'Structure model' diffrn_source             
5  5 'Structure model' chem_comp_atom            
6  5 'Structure model' chem_comp_bond            
7  5 'Structure model' database_2                
8  5 'Structure model' pdbx_database_status      
9  5 'Structure model' pdbx_entry_details        
10 5 'Structure model' pdbx_modification_feature 
11 5 'Structure model' struct_site               
# 
loop_
_pdbx_audit_revision_item.ordinal 
_pdbx_audit_revision_item.revision_ordinal 
_pdbx_audit_revision_item.data_content_type 
_pdbx_audit_revision_item.item 
1 3 'Structure model' '_pdbx_database_status.recvd_author_approval' 
2 3 'Structure model' '_refine.pdbx_ls_cross_valid_method'          
3 4 'Structure model' '_diffrn_source.pdbx_synchrotron_site'        
4 5 'Structure model' '_database_2.pdbx_DOI'                        
5 5 'Structure model' '_database_2.pdbx_database_accession'         
6 5 'Structure model' '_pdbx_database_status.status_code_sf'        
7 5 'Structure model' '_struct_site.pdbx_auth_asym_id'              
8 5 'Structure model' '_struct_site.pdbx_auth_comp_id'              
9 5 'Structure model' '_struct_site.pdbx_auth_seq_id'               
# 
_pdbx_database_status.status_code                     REL 
_pdbx_database_status.entry_id                        1OKH 
_pdbx_database_status.deposit_site                    PDBE 
_pdbx_database_status.process_site                    PDBE 
_pdbx_database_status.SG_entry                        . 
_pdbx_database_status.recvd_initial_deposition_date   2003-07-24 
_pdbx_database_status.pdb_format_compatible           Y 
_pdbx_database_status.status_code_sf                  REL 
_pdbx_database_status.status_code_mr                  ? 
_pdbx_database_status.status_code_cs                  ? 
_pdbx_database_status.methods_development_category    ? 
_pdbx_database_status.status_code_nmr_data            ? 
# 
loop_
_audit_author.name 
_audit_author.pdbx_ordinal 
'Debreczeni, J.E.' 1 
'Girmann, B.'      2 
'Zeeck, A.'        3 
'Sheldrick, G.M.'  4 
# 
_citation.id                        primary 
_citation.title                     'Structure of Viscotoxin A3: Disulfide Location from Weak Sad Data' 
_citation.journal_abbrev            'Acta Crystallogr.,Sect.D' 
_citation.journal_volume            59 
_citation.page_first                2125 
_citation.page_last                 ? 
_citation.year                      2003 
_citation.journal_id_ASTM           ABCRE6 
_citation.country                   DK 
_citation.journal_id_ISSN           0907-4449 
_citation.journal_id_CSD            0766 
_citation.book_publisher            ? 
_citation.pdbx_database_id_PubMed   14646070 
_citation.pdbx_database_id_DOI      10.1107/S0907444903018973 
# 
loop_
_citation_author.citation_id 
_citation_author.name 
_citation_author.ordinal 
_citation_author.identifier_ORCID 
primary 'Debreczeni, J.E.' 1 ? 
primary 'Girmann, B.'      2 ? 
primary 'Zeeck, A.'        3 ? 
primary 'Kratzner, R.'     4 ? 
primary 'Sheldrick, G.M.'  5 ? 
# 
loop_
_entity.id 
_entity.type 
_entity.src_method 
_entity.pdbx_description 
_entity.formula_weight 
_entity.pdbx_number_of_molecules 
_entity.pdbx_ec 
_entity.pdbx_mutation 
_entity.pdbx_fragment 
_entity.details 
1 polymer     nat 'VISCOTOXIN A3' 4842.626 2  ? ? 'VISCOTOXIN A3 CHAIN, RESIDUES 27-72' ? 
2 non-polymer syn 'PHOSPHATE ION' 94.971   2  ? ? ?                                     ? 
3 non-polymer syn 'SULFATE ION'   96.063   1  ? ? ?                                     ? 
4 water       nat water           18.015   94 ? ? ?                                     ? 
# 
_entity_poly.entity_id                      1 
_entity_poly.type                           'polypeptide(L)' 
_entity_poly.nstd_linkage                   no 
_entity_poly.nstd_monomer                   no 
_entity_poly.pdbx_seq_one_letter_code       KSCCPNTTGRNIYNACRLTGAPRPTCAKLSGCKIISGSTCPSDYPK 
_entity_poly.pdbx_seq_one_letter_code_can   KSCCPNTTGRNIYNACRLTGAPRPTCAKLSGCKIISGSTCPSDYPK 
_entity_poly.pdbx_strand_id                 A,B 
_entity_poly.pdbx_target_identifier         ? 
# 
loop_
_pdbx_entity_nonpoly.entity_id 
_pdbx_entity_nonpoly.name 
_pdbx_entity_nonpoly.comp_id 
2 'PHOSPHATE ION' PO4 
3 'SULFATE ION'   SO4 
4 water           HOH 
# 
loop_
_entity_poly_seq.entity_id 
_entity_poly_seq.num 
_entity_poly_seq.mon_id 
_entity_poly_seq.hetero 
1 1  LYS n 
1 2  SER n 
1 3  CYS n 
1 4  CYS n 
1 5  PRO n 
1 6  ASN n 
1 7  THR n 
1 8  THR n 
1 9  GLY n 
1 10 ARG n 
1 11 ASN n 
1 12 ILE n 
1 13 TYR n 
1 14 ASN n 
1 15 ALA n 
1 16 CYS n 
1 17 ARG n 
1 18 LEU n 
1 19 THR n 
1 20 GLY n 
1 21 ALA n 
1 22 PRO n 
1 23 ARG n 
1 24 PRO n 
1 25 THR n 
1 26 CYS n 
1 27 ALA n 
1 28 LYS n 
1 29 LEU n 
1 30 SER n 
1 31 GLY n 
1 32 CYS n 
1 33 LYS n 
1 34 ILE n 
1 35 ILE n 
1 36 SER n 
1 37 GLY n 
1 38 SER n 
1 39 THR n 
1 40 CYS n 
1 41 PRO n 
1 42 SER n 
1 43 ASP n 
1 44 TYR n 
1 45 PRO n 
1 46 LYS n 
# 
_entity_src_nat.entity_id                  1 
_entity_src_nat.pdbx_src_id                1 
_entity_src_nat.pdbx_alt_source_flag       sample 
_entity_src_nat.pdbx_beg_seq_num           ? 
_entity_src_nat.pdbx_end_seq_num           ? 
_entity_src_nat.common_name                'EUROPEAN MISTLETOE' 
_entity_src_nat.pdbx_organism_scientific   'VISCUM ALBUM' 
_entity_src_nat.pdbx_ncbi_taxonomy_id      3972 
_entity_src_nat.genus                      ? 
_entity_src_nat.species                    ? 
_entity_src_nat.strain                     ? 
_entity_src_nat.tissue                     ? 
_entity_src_nat.tissue_fraction            ? 
_entity_src_nat.pdbx_secretion             ? 
_entity_src_nat.pdbx_fragment              ? 
_entity_src_nat.pdbx_variant               ? 
_entity_src_nat.pdbx_cell_line             ? 
_entity_src_nat.pdbx_atcc                  ? 
_entity_src_nat.pdbx_cellular_location     ? 
_entity_src_nat.pdbx_organ                 'LEAVES, STEMS' 
_entity_src_nat.pdbx_organelle             ? 
_entity_src_nat.pdbx_cell                  ? 
_entity_src_nat.pdbx_plasmid_name          ? 
_entity_src_nat.pdbx_plasmid_details       ? 
_entity_src_nat.details                    ? 
# 
loop_
_chem_comp.id 
_chem_comp.type 
_chem_comp.mon_nstd_flag 
_chem_comp.name 
_chem_comp.pdbx_synonyms 
_chem_comp.formula 
_chem_comp.formula_weight 
ALA 'L-peptide linking' y ALANINE         ? 'C3 H7 N O2'     89.093  
ARG 'L-peptide linking' y ARGININE        ? 'C6 H15 N4 O2 1' 175.209 
ASN 'L-peptide linking' y ASPARAGINE      ? 'C4 H8 N2 O3'    132.118 
ASP 'L-peptide linking' y 'ASPARTIC ACID' ? 'C4 H7 N O4'     133.103 
CYS 'L-peptide linking' y CYSTEINE        ? 'C3 H7 N O2 S'   121.158 
GLY 'peptide linking'   y GLYCINE         ? 'C2 H5 N O2'     75.067  
HOH non-polymer         . WATER           ? 'H2 O'           18.015  
ILE 'L-peptide linking' y ISOLEUCINE      ? 'C6 H13 N O2'    131.173 
LEU 'L-peptide linking' y LEUCINE         ? 'C6 H13 N O2'    131.173 
LYS 'L-peptide linking' y LYSINE          ? 'C6 H15 N2 O2 1' 147.195 
PO4 non-polymer         . 'PHOSPHATE ION' ? 'O4 P -3'        94.971  
PRO 'L-peptide linking' y PROLINE         ? 'C5 H9 N O2'     115.130 
SER 'L-peptide linking' y SERINE          ? 'C3 H7 N O3'     105.093 
SO4 non-polymer         . 'SULFATE ION'   ? 'O4 S -2'        96.063  
THR 'L-peptide linking' y THREONINE       ? 'C4 H9 N O3'     119.119 
TYR 'L-peptide linking' y TYROSINE        ? 'C9 H11 N O3'    181.189 
# 
loop_
_pdbx_poly_seq_scheme.asym_id 
_pdbx_poly_seq_scheme.entity_id 
_pdbx_poly_seq_scheme.seq_id 
_pdbx_poly_seq_scheme.mon_id 
_pdbx_poly_seq_scheme.ndb_seq_num 
_pdbx_poly_seq_scheme.pdb_seq_num 
_pdbx_poly_seq_scheme.auth_seq_num 
_pdbx_poly_seq_scheme.pdb_mon_id 
_pdbx_poly_seq_scheme.auth_mon_id 
_pdbx_poly_seq_scheme.pdb_strand_id 
_pdbx_poly_seq_scheme.pdb_ins_code 
_pdbx_poly_seq_scheme.hetero 
A 1 1  LYS 1  1  1  LYS LYS A . n 
A 1 2  SER 2  2  2  SER SER A . n 
A 1 3  CYS 3  3  3  CYS CYS A . n 
A 1 4  CYS 4  4  4  CYS CYS A . n 
A 1 5  PRO 5  5  5  PRO PRO A . n 
A 1 6  ASN 6  6  6  ASN ASN A . n 
A 1 7  THR 7  7  7  THR THR A . n 
A 1 8  THR 8  8  8  THR THR A . n 
A 1 9  GLY 9  9  9  GLY GLY A . n 
A 1 10 ARG 10 10 10 ARG ARG A . n 
A 1 11 ASN 11 11 11 ASN ASN A . n 
A 1 12 ILE 12 12 12 ILE ILE A . n 
A 1 13 TYR 13 13 13 TYR TYR A . n 
A 1 14 ASN 14 14 14 ASN ASN A . n 
A 1 15 ALA 15 15 15 ALA ALA A . n 
A 1 16 CYS 16 16 16 CYS CYS A . n 
A 1 17 ARG 17 17 17 ARG ARG A . n 
A 1 18 LEU 18 18 18 LEU LEU A . n 
A 1 19 THR 19 19 19 THR THR A . n 
A 1 20 GLY 20 20 20 GLY GLY A . n 
A 1 21 ALA 21 21 21 ALA ALA A . n 
A 1 22 PRO 22 22 22 PRO PRO A . n 
A 1 23 ARG 23 23 23 ARG ARG A . n 
A 1 24 PRO 24 24 24 PRO PRO A . n 
A 1 25 THR 25 25 25 THR THR A . n 
A 1 26 CYS 26 26 26 CYS CYS A . n 
A 1 27 ALA 27 27 27 ALA ALA A . n 
A 1 28 LYS 28 28 28 LYS LYS A . n 
A 1 29 LEU 29 29 29 LEU LEU A . n 
A 1 30 SER 30 30 30 SER SER A . n 
A 1 31 GLY 31 31 31 GLY GLY A . n 
A 1 32 CYS 32 32 32 CYS CYS A . n 
A 1 33 LYS 33 33 33 LYS LYS A . n 
A 1 34 ILE 34 34 34 ILE ILE A . n 
A 1 35 ILE 35 35 35 ILE ILE A . n 
A 1 36 SER 36 36 36 SER SER A . n 
A 1 37 GLY 37 37 37 GLY GLY A . n 
A 1 38 SER 38 38 38 SER SER A . n 
A 1 39 THR 39 39 39 THR THR A . n 
A 1 40 CYS 40 40 40 CYS CYS A . n 
A 1 41 PRO 41 41 41 PRO PRO A . n 
A 1 42 SER 42 42 42 SER SER A . n 
A 1 43 ASP 43 43 43 ASP ASP A . n 
A 1 44 TYR 44 44 44 TYR TYR A . n 
A 1 45 PRO 45 45 45 PRO PRO A . n 
A 1 46 LYS 46 46 46 LYS LYS A . n 
B 1 1  LYS 1  1  1  LYS LYS B . n 
B 1 2  SER 2  2  2  SER SER B . n 
B 1 3  CYS 3  3  3  CYS CYS B . n 
B 1 4  CYS 4  4  4  CYS CYS B . n 
B 1 5  PRO 5  5  5  PRO PRO B . n 
B 1 6  ASN 6  6  6  ASN ASN B . n 
B 1 7  THR 7  7  7  THR THR B . n 
B 1 8  THR 8  8  8  THR THR B . n 
B 1 9  GLY 9  9  9  GLY GLY B . n 
B 1 10 ARG 10 10 10 ARG ARG B . n 
B 1 11 ASN 11 11 11 ASN ASN B . n 
B 1 12 ILE 12 12 12 ILE ILE B . n 
B 1 13 TYR 13 13 13 TYR TYR B . n 
B 1 14 ASN 14 14 14 ASN ASN B . n 
B 1 15 ALA 15 15 15 ALA ALA B . n 
B 1 16 CYS 16 16 16 CYS CYS B . n 
B 1 17 ARG 17 17 17 ARG ARG B . n 
B 1 18 LEU 18 18 18 LEU LEU B . n 
B 1 19 THR 19 19 19 THR THR B . n 
B 1 20 GLY 20 20 20 GLY GLY B . n 
B 1 21 ALA 21 21 21 ALA ALA B . n 
B 1 22 PRO 22 22 22 PRO PRO B . n 
B 1 23 ARG 23 23 23 ARG ARG B . n 
B 1 24 PRO 24 24 24 PRO PRO B . n 
B 1 25 THR 25 25 25 THR THR B . n 
B 1 26 CYS 26 26 26 CYS CYS B . n 
B 1 27 ALA 27 27 27 ALA ALA B . n 
B 1 28 LYS 28 28 28 LYS LYS B . n 
B 1 29 LEU 29 29 29 LEU LEU B . n 
B 1 30 SER 30 30 30 SER SER B . n 
B 1 31 GLY 31 31 31 GLY GLY B . n 
B 1 32 CYS 32 32 32 CYS CYS B . n 
B 1 33 LYS 33 33 33 LYS LYS B . n 
B 1 34 ILE 34 34 34 ILE ILE B . n 
B 1 35 ILE 35 35 35 ILE ILE B . n 
B 1 36 SER 36 36 36 SER SER B . n 
B 1 37 GLY 37 37 37 GLY GLY B . n 
B 1 38 SER 38 38 38 SER SER B . n 
B 1 39 THR 39 39 39 THR THR B . n 
B 1 40 CYS 40 40 40 CYS CYS B . n 
B 1 41 PRO 41 41 41 PRO PRO B . n 
B 1 42 SER 42 42 42 SER SER B . n 
B 1 43 ASP 43 43 43 ASP ASP B . n 
B 1 44 TYR 44 44 44 TYR TYR B . n 
B 1 45 PRO 45 45 45 PRO PRO B . n 
B 1 46 LYS 46 46 46 LYS LYS B . n 
# 
loop_
_pdbx_nonpoly_scheme.asym_id 
_pdbx_nonpoly_scheme.entity_id 
_pdbx_nonpoly_scheme.mon_id 
_pdbx_nonpoly_scheme.ndb_seq_num 
_pdbx_nonpoly_scheme.pdb_seq_num 
_pdbx_nonpoly_scheme.auth_seq_num 
_pdbx_nonpoly_scheme.pdb_mon_id 
_pdbx_nonpoly_scheme.auth_mon_id 
_pdbx_nonpoly_scheme.pdb_strand_id 
_pdbx_nonpoly_scheme.pdb_ins_code 
C 2 PO4 1  1047 1047 PO4 PO4 A . 
D 3 SO4 1  1048 1048 SO4 SO4 A . 
E 2 PO4 1  1047 1047 PO4 PO4 B . 
F 4 HOH 1  2001 2001 HOH HOH A . 
F 4 HOH 2  2002 2002 HOH HOH A . 
F 4 HOH 3  2003 2003 HOH HOH A . 
F 4 HOH 4  2004 2004 HOH HOH A . 
F 4 HOH 5  2005 2005 HOH HOH A . 
F 4 HOH 6  2006 2006 HOH HOH A . 
F 4 HOH 7  2007 2007 HOH HOH A . 
F 4 HOH 8  2008 2008 HOH HOH A . 
F 4 HOH 9  2009 2009 HOH HOH A . 
F 4 HOH 10 2010 2010 HOH HOH A . 
F 4 HOH 11 2011 2011 HOH HOH A . 
F 4 HOH 12 2012 2012 HOH HOH A . 
F 4 HOH 13 2013 2013 HOH HOH A . 
F 4 HOH 14 2014 2014 HOH HOH A . 
F 4 HOH 15 2015 2015 HOH HOH A . 
F 4 HOH 16 2016 2016 HOH HOH A . 
F 4 HOH 17 2017 2017 HOH HOH A . 
F 4 HOH 18 2018 2018 HOH HOH A . 
F 4 HOH 19 2019 2019 HOH HOH A . 
F 4 HOH 20 2020 2020 HOH HOH A . 
F 4 HOH 21 2021 2021 HOH HOH A . 
F 4 HOH 22 2022 2022 HOH HOH A . 
F 4 HOH 23 2023 2023 HOH HOH A . 
F 4 HOH 24 2024 2024 HOH HOH A . 
F 4 HOH 25 2025 2025 HOH HOH A . 
F 4 HOH 26 2026 2026 HOH HOH A . 
F 4 HOH 27 2027 2027 HOH HOH A . 
F 4 HOH 28 2028 2028 HOH HOH A . 
F 4 HOH 29 2029 2029 HOH HOH A . 
F 4 HOH 30 2030 2030 HOH HOH A . 
F 4 HOH 31 2031 2031 HOH HOH A . 
F 4 HOH 32 2032 2032 HOH HOH A . 
F 4 HOH 33 2033 2033 HOH HOH A . 
F 4 HOH 34 2034 2034 HOH HOH A . 
F 4 HOH 35 2035 2035 HOH HOH A . 
F 4 HOH 36 2036 2036 HOH HOH A . 
F 4 HOH 37 2037 2037 HOH HOH A . 
F 4 HOH 38 2038 2038 HOH HOH A . 
F 4 HOH 39 2039 2039 HOH HOH A . 
F 4 HOH 40 2040 2040 HOH HOH A . 
F 4 HOH 41 2041 2041 HOH HOH A . 
F 4 HOH 42 2042 2042 HOH HOH A . 
F 4 HOH 43 2043 2043 HOH HOH A . 
F 4 HOH 44 2044 2044 HOH HOH A . 
F 4 HOH 45 2045 2045 HOH HOH A . 
F 4 HOH 46 2046 2046 HOH HOH A . 
F 4 HOH 47 2047 2047 HOH HOH A . 
F 4 HOH 48 2048 2048 HOH HOH A . 
F 4 HOH 49 2049 2049 HOH HOH A . 
F 4 HOH 50 2050 2050 HOH HOH A . 
F 4 HOH 51 2051 2051 HOH HOH A . 
F 4 HOH 52 2052 2052 HOH HOH A . 
F 4 HOH 53 2053 2053 HOH HOH A . 
F 4 HOH 54 2054 2054 HOH HOH A . 
G 4 HOH 1  2001 2001 HOH HOH B . 
G 4 HOH 2  2002 2002 HOH HOH B . 
G 4 HOH 3  2003 2003 HOH HOH B . 
G 4 HOH 4  2004 2004 HOH HOH B . 
G 4 HOH 5  2005 2005 HOH HOH B . 
G 4 HOH 6  2006 2006 HOH HOH B . 
G 4 HOH 7  2007 2007 HOH HOH B . 
G 4 HOH 8  2008 2008 HOH HOH B . 
G 4 HOH 9  2009 2009 HOH HOH B . 
G 4 HOH 10 2010 2010 HOH HOH B . 
G 4 HOH 11 2011 2011 HOH HOH B . 
G 4 HOH 12 2012 2012 HOH HOH B . 
G 4 HOH 13 2013 2013 HOH HOH B . 
G 4 HOH 14 2014 2014 HOH HOH B . 
G 4 HOH 15 2015 2015 HOH HOH B . 
G 4 HOH 16 2016 2016 HOH HOH B . 
G 4 HOH 17 2017 2017 HOH HOH B . 
G 4 HOH 18 2018 2018 HOH HOH B . 
G 4 HOH 19 2019 2019 HOH HOH B . 
G 4 HOH 20 2020 2020 HOH HOH B . 
G 4 HOH 21 2021 2021 HOH HOH B . 
G 4 HOH 22 2022 2022 HOH HOH B . 
G 4 HOH 23 2023 2023 HOH HOH B . 
G 4 HOH 24 2024 2024 HOH HOH B . 
G 4 HOH 25 2025 2025 HOH HOH B . 
G 4 HOH 26 2026 2026 HOH HOH B . 
G 4 HOH 27 2027 2027 HOH HOH B . 
G 4 HOH 28 2028 2028 HOH HOH B . 
G 4 HOH 29 2029 2029 HOH HOH B . 
G 4 HOH 30 2030 2030 HOH HOH B . 
G 4 HOH 31 2031 2031 HOH HOH B . 
G 4 HOH 32 2032 2032 HOH HOH B . 
G 4 HOH 33 2033 2033 HOH HOH B . 
G 4 HOH 34 2034 2034 HOH HOH B . 
G 4 HOH 35 2035 2035 HOH HOH B . 
G 4 HOH 36 2036 2036 HOH HOH B . 
G 4 HOH 37 2037 2037 HOH HOH B . 
G 4 HOH 38 2038 2038 HOH HOH B . 
G 4 HOH 39 2039 2039 HOH HOH B . 
G 4 HOH 40 2040 2040 HOH HOH B . 
# 
loop_
_software.name 
_software.classification 
_software.version 
_software.citation_id 
_software.pdbx_ordinal 
DENZO     'data reduction' . ? 1 
SCALEPACK 'data scaling'   . ? 2 
SHELXD    phasing          . ? 3 
SHELXE    phasing          . ? 4 
SHELXL-97 refinement       . ? 5 
# 
_cell.entry_id           1OKH 
_cell.length_a           47.995 
_cell.length_b           68.593 
_cell.length_c           25.264 
_cell.angle_alpha        90.00 
_cell.angle_beta         90.00 
_cell.angle_gamma        90.00 
_cell.Z_PDB              8 
_cell.pdbx_unique_axis   ? 
# 
_symmetry.entry_id                         1OKH 
_symmetry.space_group_name_H-M             'P 21 21 2' 
_symmetry.pdbx_full_space_group_name_H-M   ? 
_symmetry.cell_setting                     ? 
_symmetry.Int_Tables_number                18 
# 
_exptl.entry_id          1OKH 
_exptl.method            'X-RAY DIFFRACTION' 
_exptl.crystals_number   1 
# 
_exptl_crystal.id                    1 
_exptl_crystal.density_meas          ? 
_exptl_crystal.density_Matthews      1.79 
_exptl_crystal.density_percent_sol   31.5 
_exptl_crystal.description           'DATA COLLECTED IN-HOUSE. PHASED USING IN-HOUSE SULFUR- SAD DATA' 
# 
_exptl_crystal_grow.crystal_id      1 
_exptl_crystal_grow.method          ? 
_exptl_crystal_grow.temp            ? 
_exptl_crystal_grow.temp_details    ? 
_exptl_crystal_grow.pH              6.50 
_exptl_crystal_grow.pdbx_pH_range   ? 
_exptl_crystal_grow.pdbx_details    '0.15M AM2SO4, 0.05M CACOD. PH=6.5, 30% PEG8000, 15MM HGCL2, pH 6.50' 
# 
_diffrn.id                     1 
_diffrn.ambient_temp           100.0 
_diffrn.ambient_temp_details   ? 
_diffrn.crystal_id             1 
# 
_diffrn_detector.diffrn_id              1 
_diffrn_detector.detector               'IMAGE PLATE' 
_diffrn_detector.type                   MARRESEARCH 
_diffrn_detector.pdbx_collection_date   2002-04-15 
_diffrn_detector.details                ? 
# 
_diffrn_radiation.diffrn_id                        1 
_diffrn_radiation.wavelength_id                    1 
_diffrn_radiation.pdbx_monochromatic_or_laue_m_l   M 
_diffrn_radiation.monochromator                    ? 
_diffrn_radiation.pdbx_diffrn_protocol             'SINGLE WAVELENGTH' 
_diffrn_radiation.pdbx_scattering_type             x-ray 
# 
_diffrn_radiation_wavelength.id           1 
_diffrn_radiation_wavelength.wavelength   0.98 
_diffrn_radiation_wavelength.wt           1.0 
# 
_diffrn_source.diffrn_id                   1 
_diffrn_source.source                      SYNCHROTRON 
_diffrn_source.type                        'EMBL/DESY, HAMBURG BEAMLINE X13' 
_diffrn_source.pdbx_synchrotron_site       'EMBL/DESY, HAMBURG' 
_diffrn_source.pdbx_synchrotron_beamline   X13 
_diffrn_source.pdbx_wavelength             0.98 
_diffrn_source.pdbx_wavelength_list        ? 
# 
_reflns.pdbx_diffrn_id               1 
_reflns.pdbx_ordinal                 1 
_reflns.entry_id                     1OKH 
_reflns.observed_criterion_sigma_I   ? 
_reflns.observed_criterion_sigma_F   ? 
_reflns.d_resolution_low             68.590 
_reflns.d_resolution_high            1.750 
_reflns.number_obs                   8938 
_reflns.number_all                   ? 
_reflns.percent_possible_obs         100.0 
_reflns.pdbx_Rmerge_I_obs            0.08920 
_reflns.pdbx_Rsym_value              ? 
_reflns.pdbx_netI_over_sigmaI        14.3100 
_reflns.B_iso_Wilson_estimate        ? 
_reflns.pdbx_redundancy              5.250 
# 
_reflns_shell.pdbx_diffrn_id         1 
_reflns_shell.pdbx_ordinal           1 
_reflns_shell.d_res_high             1.75 
_reflns_shell.d_res_low              1.85 
_reflns_shell.percent_possible_all   99.7 
_reflns_shell.Rmerge_I_obs           0.38660 
_reflns_shell.pdbx_Rsym_value        ? 
_reflns_shell.meanI_over_sigI_obs    3.890 
_reflns_shell.pdbx_redundancy        4.42 
# 
_refine.pdbx_refine_id                           'X-RAY DIFFRACTION' 
_refine.entry_id                                 1OKH 
_refine.pdbx_diffrn_id                           1 
_refine.pdbx_TLS_residual_ADP_flag               ? 
_refine.ls_number_reflns_obs                     ? 
_refine.ls_number_reflns_all                     8893 
_refine.pdbx_ls_sigma_I                          ? 
_refine.pdbx_ls_sigma_F                          0.0 
_refine.pdbx_data_cutoff_high_absF               ? 
_refine.pdbx_data_cutoff_low_absF                ? 
_refine.pdbx_data_cutoff_high_rms_absF           ? 
_refine.ls_d_res_low                             20.0 
_refine.ls_d_res_high                            1.75 
_refine.ls_percent_reflns_obs                    100.0 
_refine.ls_R_factor_obs                          0.1887 
_refine.ls_R_factor_all                          0.1920 
_refine.ls_R_factor_R_work                       ? 
_refine.ls_R_factor_R_free                       0.2570 
_refine.ls_R_factor_R_free_error                 ? 
_refine.ls_R_factor_R_free_error_details         ? 
_refine.ls_percent_reflns_R_free                 5.1 
_refine.ls_number_reflns_R_free                  454 
_refine.ls_number_parameters                     3115 
_refine.ls_number_restraints                     2935 
_refine.occupancy_min                            ? 
_refine.occupancy_max                            ? 
_refine.correlation_coeff_Fo_to_Fc               ? 
_refine.correlation_coeff_Fo_to_Fc_free          ? 
_refine.B_iso_mean                               ? 
_refine.aniso_B[1][1]                            ? 
_refine.aniso_B[2][2]                            ? 
_refine.aniso_B[3][3]                            ? 
_refine.aniso_B[1][2]                            ? 
_refine.aniso_B[1][3]                            ? 
_refine.aniso_B[2][3]                            ? 
_refine.solvent_model_details                    ? 
_refine.solvent_model_param_ksol                 ? 
_refine.solvent_model_param_bsol                 ? 
_refine.pdbx_solvent_vdw_probe_radii             ? 
_refine.pdbx_solvent_ion_probe_radii             ? 
_refine.pdbx_solvent_shrinkage_radii             ? 
_refine.pdbx_ls_cross_valid_method               'FREE R-VALUE' 
_refine.details                                  ? 
_refine.pdbx_starting_model                      ? 
_refine.pdbx_method_to_determine_struct          SAD 
_refine.pdbx_isotropic_thermal_model             ? 
_refine.pdbx_stereochemistry_target_values       'ENGH AND HUBER' 
_refine.pdbx_stereochem_target_val_spec_case     ? 
_refine.pdbx_R_Free_selection_details            RANDOM 
_refine.pdbx_overall_ESU_R                       ? 
_refine.pdbx_overall_ESU_R_Free                  ? 
_refine.overall_SU_ML                            ? 
_refine.pdbx_overall_phase_error                 ? 
_refine.overall_SU_B                             ? 
_refine.overall_SU_R_Cruickshank_DPI             ? 
_refine.pdbx_overall_SU_R_free_Cruickshank_DPI   ? 
_refine.pdbx_overall_SU_R_Blow_DPI               ? 
_refine.pdbx_overall_SU_R_free_Blow_DPI          ? 
# 
_refine_analyze.pdbx_refine_id                  'X-RAY DIFFRACTION' 
_refine_analyze.entry_id                        1OKH 
_refine_analyze.Luzzati_coordinate_error_obs    ? 
_refine_analyze.Luzzati_sigma_a_obs             ? 
_refine_analyze.Luzzati_d_res_low_obs           ? 
_refine_analyze.Luzzati_coordinate_error_free   ? 
_refine_analyze.Luzzati_sigma_a_free            ? 
_refine_analyze.Luzzati_d_res_low_free          ? 
_refine_analyze.number_disordered_residues      1 
_refine_analyze.occupancy_sum_hydrogen          0 
_refine_analyze.occupancy_sum_non_hydrogen      780.00 
# 
_refine_hist.pdbx_refine_id                   'X-RAY DIFFRACTION' 
_refine_hist.cycle_id                         LAST 
_refine_hist.pdbx_number_atoms_protein        666 
_refine_hist.pdbx_number_atoms_nucleic_acid   0 
_refine_hist.pdbx_number_atoms_ligand         15 
_refine_hist.number_atoms_solvent             94 
_refine_hist.number_atoms_total               775 
_refine_hist.d_res_high                       1.75 
_refine_hist.d_res_low                        20.0 
# 
loop_
_refine_ls_restr.type 
_refine_ls_restr.dev_ideal 
_refine_ls_restr.dev_ideal_target 
_refine_ls_restr.weight 
_refine_ls_restr.number 
_refine_ls_restr.pdbx_refine_id 
_refine_ls_restr.pdbx_restraint_function 
s_bond_d               0.006 ? ? ? 'X-RAY DIFFRACTION' ? 
s_angle_d              0.021 ? ? ? 'X-RAY DIFFRACTION' ? 
s_similar_dist         0.002 ? ? ? 'X-RAY DIFFRACTION' ? 
s_from_restr_planes    0.293 ? ? ? 'X-RAY DIFFRACTION' ? 
s_zero_chiral_vol      0.029 ? ? ? 'X-RAY DIFFRACTION' ? 
s_non_zero_chiral_vol  0.042 ? ? ? 'X-RAY DIFFRACTION' ? 
s_anti_bump_dis_restr  0.021 ? ? ? 'X-RAY DIFFRACTION' ? 
s_rigid_bond_adp_cmpnt ?     ? ? ? 'X-RAY DIFFRACTION' ? 
s_similar_adp_cmpnt    0.067 ? ? ? 'X-RAY DIFFRACTION' ? 
s_approx_iso_adps      ?     ? ? ? 'X-RAY DIFFRACTION' ? 
# 
_pdbx_refine.pdbx_refine_id                              'X-RAY DIFFRACTION' 
_pdbx_refine.entry_id                                    1OKH 
_pdbx_refine.R_factor_all_no_cutoff                      0.1920 
_pdbx_refine.R_factor_obs_no_cutoff                      0.1887 
_pdbx_refine.free_R_factor_no_cutoff                     0.2570 
_pdbx_refine.free_R_error_no_cutoff                      ? 
_pdbx_refine.free_R_val_test_set_size_perc_no_cutoff     5.1 
_pdbx_refine.free_R_val_test_set_ct_no_cutoff            454 
_pdbx_refine.R_factor_all_4sig_cutoff                    0.1709 
_pdbx_refine.R_factor_obs_4sig_cutoff                    0.1674 
_pdbx_refine.free_R_factor_4sig_cutoff                   0.2391 
_pdbx_refine.free_R_val_test_set_size_perc_4sig_cutoff   5.2 
_pdbx_refine.free_R_val_test_set_ct_4sig_cutoff          393 
_pdbx_refine.number_reflns_obs_4sig_cutoff               7481 
# 
_struct_ncs_oper.id             1 
_struct_ncs_oper.code           given 
_struct_ncs_oper.details        ? 
_struct_ncs_oper.matrix[1][1]   -0.89138430 
_struct_ncs_oper.matrix[1][2]   0.30016684 
_struct_ncs_oper.matrix[1][3]   0.33959607 
_struct_ncs_oper.matrix[2][1]   0.23072091 
_struct_ncs_oper.matrix[2][2]   -0.34441033 
_struct_ncs_oper.matrix[2][3]   0.91002983 
_struct_ncs_oper.matrix[3][1]   0.39011502 
_struct_ncs_oper.matrix[3][2]   0.88954169 
_struct_ncs_oper.matrix[3][3]   0.23774464 
_struct_ncs_oper.vector[1]      0.65438 
_struct_ncs_oper.vector[2]      0.51710 
_struct_ncs_oper.vector[3]      0.47934 
# 
_struct.entry_id                  1OKH 
_struct.title                     'Viscotoxin A3 from Viscum album L.' 
_struct.pdbx_model_details        ? 
_struct.pdbx_CASP_flag            ? 
_struct.pdbx_model_type_details   ? 
# 
_struct_keywords.entry_id        1OKH 
_struct_keywords.pdbx_keywords   TOXIN 
_struct_keywords.text            'THIONIN, TOXIN, PLANT DEFENSE' 
# 
loop_
_struct_asym.id 
_struct_asym.pdbx_blank_PDB_chainid_flag 
_struct_asym.pdbx_modified 
_struct_asym.entity_id 
_struct_asym.details 
A N N 1 ? 
B N N 1 ? 
C N N 2 ? 
D N N 3 ? 
E N N 2 ? 
F N N 4 ? 
G N N 4 ? 
# 
_struct_ref.id                         1 
_struct_ref.db_name                    UNP 
_struct_ref.db_code                    THN3_VISAL 
_struct_ref.entity_id                  1 
_struct_ref.pdbx_seq_one_letter_code   ? 
_struct_ref.pdbx_align_begin           ? 
_struct_ref.pdbx_db_accession          P01538 
_struct_ref.pdbx_db_isoform            ? 
# 
loop_
_struct_ref_seq.align_id 
_struct_ref_seq.ref_id 
_struct_ref_seq.pdbx_PDB_id_code 
_struct_ref_seq.pdbx_strand_id 
_struct_ref_seq.seq_align_beg 
_struct_ref_seq.pdbx_seq_align_beg_ins_code 
_struct_ref_seq.seq_align_end 
_struct_ref_seq.pdbx_seq_align_end_ins_code 
_struct_ref_seq.pdbx_db_accession 
_struct_ref_seq.db_align_beg 
_struct_ref_seq.pdbx_db_align_beg_ins_code 
_struct_ref_seq.db_align_end 
_struct_ref_seq.pdbx_db_align_end_ins_code 
_struct_ref_seq.pdbx_auth_seq_align_beg 
_struct_ref_seq.pdbx_auth_seq_align_end 
1 1 1OKH A 1 ? 46 ? P01538 27 ? 72 ? 1 46 
2 1 1OKH B 1 ? 46 ? P01538 27 ? 72 ? 1 46 
# 
_pdbx_struct_assembly.id                   1 
_pdbx_struct_assembly.details              author_and_software_defined_assembly 
_pdbx_struct_assembly.method_details       PQS 
_pdbx_struct_assembly.oligomeric_details   dimeric 
_pdbx_struct_assembly.oligomeric_count     2 
# 
_pdbx_struct_assembly_gen.assembly_id       1 
_pdbx_struct_assembly_gen.oper_expression   1 
_pdbx_struct_assembly_gen.asym_id_list      A,B,C,D,E,F,G 
# 
_pdbx_struct_oper_list.id                   1 
_pdbx_struct_oper_list.type                 'identity operation' 
_pdbx_struct_oper_list.name                 1_555 
_pdbx_struct_oper_list.symmetry_operation   x,y,z 
_pdbx_struct_oper_list.matrix[1][1]         1.0000000000 
_pdbx_struct_oper_list.matrix[1][2]         0.0000000000 
_pdbx_struct_oper_list.matrix[1][3]         0.0000000000 
_pdbx_struct_oper_list.vector[1]            0.0000000000 
_pdbx_struct_oper_list.matrix[2][1]         0.0000000000 
_pdbx_struct_oper_list.matrix[2][2]         1.0000000000 
_pdbx_struct_oper_list.matrix[2][3]         0.0000000000 
_pdbx_struct_oper_list.vector[2]            0.0000000000 
_pdbx_struct_oper_list.matrix[3][1]         0.0000000000 
_pdbx_struct_oper_list.matrix[3][2]         0.0000000000 
_pdbx_struct_oper_list.matrix[3][3]         1.0000000000 
_pdbx_struct_oper_list.vector[3]            0.0000000000 
# 
_struct_biol.id   1 
# 
loop_
_struct_conf.conf_type_id 
_struct_conf.id 
_struct_conf.pdbx_PDB_helix_id 
_struct_conf.beg_label_comp_id 
_struct_conf.beg_label_asym_id 
_struct_conf.beg_label_seq_id 
_struct_conf.pdbx_beg_PDB_ins_code 
_struct_conf.end_label_comp_id 
_struct_conf.end_label_asym_id 
_struct_conf.end_label_seq_id 
_struct_conf.pdbx_end_PDB_ins_code 
_struct_conf.beg_auth_comp_id 
_struct_conf.beg_auth_asym_id 
_struct_conf.beg_auth_seq_id 
_struct_conf.end_auth_comp_id 
_struct_conf.end_auth_asym_id 
_struct_conf.end_auth_seq_id 
_struct_conf.pdbx_PDB_helix_class 
_struct_conf.details 
_struct_conf.pdbx_PDB_helix_length 
HELX_P HELX_P1 1 ASN A 6  ? THR A 19 ? ASN A 6  THR A 19 1 ? 14 
HELX_P HELX_P2 2 PRO A 22 ? GLY A 31 ? PRO A 22 GLY A 31 1 ? 10 
HELX_P HELX_P3 3 ASN B 6  ? THR B 19 ? ASN B 6  THR B 19 1 ? 14 
HELX_P HELX_P4 4 PRO B 22 ? GLY B 31 ? PRO B 22 GLY B 31 1 ? 10 
# 
_struct_conf_type.id          HELX_P 
_struct_conf_type.criteria    ? 
_struct_conf_type.reference   ? 
# 
loop_
_struct_conn.id 
_struct_conn.conn_type_id 
_struct_conn.pdbx_leaving_atom_flag 
_struct_conn.pdbx_PDB_id 
_struct_conn.ptnr1_label_asym_id 
_struct_conn.ptnr1_label_comp_id 
_struct_conn.ptnr1_label_seq_id 
_struct_conn.ptnr1_label_atom_id 
_struct_conn.pdbx_ptnr1_label_alt_id 
_struct_conn.pdbx_ptnr1_PDB_ins_code 
_struct_conn.pdbx_ptnr1_standard_comp_id 
_struct_conn.ptnr1_symmetry 
_struct_conn.ptnr2_label_asym_id 
_struct_conn.ptnr2_label_comp_id 
_struct_conn.ptnr2_label_seq_id 
_struct_conn.ptnr2_label_atom_id 
_struct_conn.pdbx_ptnr2_label_alt_id 
_struct_conn.pdbx_ptnr2_PDB_ins_code 
_struct_conn.ptnr1_auth_asym_id 
_struct_conn.ptnr1_auth_comp_id 
_struct_conn.ptnr1_auth_seq_id 
_struct_conn.ptnr2_auth_asym_id 
_struct_conn.ptnr2_auth_comp_id 
_struct_conn.ptnr2_auth_seq_id 
_struct_conn.ptnr2_symmetry 
_struct_conn.pdbx_ptnr3_label_atom_id 
_struct_conn.pdbx_ptnr3_label_seq_id 
_struct_conn.pdbx_ptnr3_label_comp_id 
_struct_conn.pdbx_ptnr3_label_asym_id 
_struct_conn.pdbx_ptnr3_label_alt_id 
_struct_conn.pdbx_ptnr3_PDB_ins_code 
_struct_conn.details 
_struct_conn.pdbx_dist_value 
_struct_conn.pdbx_value_order 
_struct_conn.pdbx_role 
disulf1 disulf ? ? A CYS 3  SG ? ? ? 1_555 A CYS 40 SG ? ? A CYS 3  A CYS 40 1_555 ? ? ? ? ? ? ? 2.013 ? ? 
disulf2 disulf ? ? A CYS 4  SG ? ? ? 1_555 A CYS 32 SG ? ? A CYS 4  A CYS 32 1_555 ? ? ? ? ? ? ? 2.044 ? ? 
disulf3 disulf ? ? A CYS 16 SG ? ? ? 1_555 A CYS 26 SG ? ? A CYS 16 A CYS 26 1_555 ? ? ? ? ? ? ? 2.009 ? ? 
disulf4 disulf ? ? B CYS 3  SG ? ? ? 1_555 B CYS 40 SG ? ? B CYS 3  B CYS 40 1_555 ? ? ? ? ? ? ? 2.015 ? ? 
disulf5 disulf ? ? B CYS 4  SG ? ? ? 1_555 B CYS 32 SG ? ? B CYS 4  B CYS 32 1_555 ? ? ? ? ? ? ? 2.012 ? ? 
disulf6 disulf ? ? B CYS 16 SG ? ? ? 1_555 B CYS 26 SG ? ? B CYS 16 B CYS 26 1_555 ? ? ? ? ? ? ? 2.036 ? ? 
# 
_struct_conn_type.id          disulf 
_struct_conn_type.criteria    ? 
_struct_conn_type.reference   ? 
# 
loop_
_pdbx_modification_feature.ordinal 
_pdbx_modification_feature.label_comp_id 
_pdbx_modification_feature.label_asym_id 
_pdbx_modification_feature.label_seq_id 
_pdbx_modification_feature.label_alt_id 
_pdbx_modification_feature.modified_residue_label_comp_id 
_pdbx_modification_feature.modified_residue_label_asym_id 
_pdbx_modification_feature.modified_residue_label_seq_id 
_pdbx_modification_feature.modified_residue_label_alt_id 
_pdbx_modification_feature.auth_comp_id 
_pdbx_modification_feature.auth_asym_id 
_pdbx_modification_feature.auth_seq_id 
_pdbx_modification_feature.PDB_ins_code 
_pdbx_modification_feature.symmetry 
_pdbx_modification_feature.modified_residue_auth_comp_id 
_pdbx_modification_feature.modified_residue_auth_asym_id 
_pdbx_modification_feature.modified_residue_auth_seq_id 
_pdbx_modification_feature.modified_residue_PDB_ins_code 
_pdbx_modification_feature.modified_residue_symmetry 
_pdbx_modification_feature.comp_id_linking_atom 
_pdbx_modification_feature.modified_residue_id_linking_atom 
_pdbx_modification_feature.modified_residue_id 
_pdbx_modification_feature.ref_pcm_id 
_pdbx_modification_feature.ref_comp_id 
_pdbx_modification_feature.type 
_pdbx_modification_feature.category 
1 CYS A 3  ? CYS A 40 ? CYS A 3  ? 1_555 CYS A 40 ? 1_555 SG SG . . . None 'Disulfide bridge' 
2 CYS A 4  ? CYS A 32 ? CYS A 4  ? 1_555 CYS A 32 ? 1_555 SG SG . . . None 'Disulfide bridge' 
3 CYS A 16 ? CYS A 26 ? CYS A 16 ? 1_555 CYS A 26 ? 1_555 SG SG . . . None 'Disulfide bridge' 
4 CYS B 3  ? CYS B 40 ? CYS B 3  ? 1_555 CYS B 40 ? 1_555 SG SG . . . None 'Disulfide bridge' 
5 CYS B 4  ? CYS B 32 ? CYS B 4  ? 1_555 CYS B 32 ? 1_555 SG SG . . . None 'Disulfide bridge' 
6 CYS B 16 ? CYS B 26 ? CYS B 16 ? 1_555 CYS B 26 ? 1_555 SG SG . . . None 'Disulfide bridge' 
# 
loop_
_struct_sheet.id 
_struct_sheet.type 
_struct_sheet.number_strands 
_struct_sheet.details 
AA ? 2 ? 
BA ? 2 ? 
# 
loop_
_struct_sheet_order.sheet_id 
_struct_sheet_order.range_id_1 
_struct_sheet_order.range_id_2 
_struct_sheet_order.offset 
_struct_sheet_order.sense 
AA 1 2 ? anti-parallel 
BA 1 2 ? anti-parallel 
# 
loop_
_struct_sheet_range.sheet_id 
_struct_sheet_range.id 
_struct_sheet_range.beg_label_comp_id 
_struct_sheet_range.beg_label_asym_id 
_struct_sheet_range.beg_label_seq_id 
_struct_sheet_range.pdbx_beg_PDB_ins_code 
_struct_sheet_range.end_label_comp_id 
_struct_sheet_range.end_label_asym_id 
_struct_sheet_range.end_label_seq_id 
_struct_sheet_range.pdbx_end_PDB_ins_code 
_struct_sheet_range.beg_auth_comp_id 
_struct_sheet_range.beg_auth_asym_id 
_struct_sheet_range.beg_auth_seq_id 
_struct_sheet_range.end_auth_comp_id 
_struct_sheet_range.end_auth_asym_id 
_struct_sheet_range.end_auth_seq_id 
AA 1 SER A 2  ? CYS A 3  ? SER A 2  CYS A 3  
AA 2 LYS A 33 ? ILE A 34 ? LYS A 33 ILE A 34 
BA 1 SER B 2  ? CYS B 3  ? SER B 2  CYS B 3  
BA 2 LYS B 33 ? ILE B 34 ? LYS B 33 ILE B 34 
# 
loop_
_pdbx_struct_sheet_hbond.sheet_id 
_pdbx_struct_sheet_hbond.range_id_1 
_pdbx_struct_sheet_hbond.range_id_2 
_pdbx_struct_sheet_hbond.range_1_label_atom_id 
_pdbx_struct_sheet_hbond.range_1_label_comp_id 
_pdbx_struct_sheet_hbond.range_1_label_asym_id 
_pdbx_struct_sheet_hbond.range_1_label_seq_id 
_pdbx_struct_sheet_hbond.range_1_PDB_ins_code 
_pdbx_struct_sheet_hbond.range_1_auth_atom_id 
_pdbx_struct_sheet_hbond.range_1_auth_comp_id 
_pdbx_struct_sheet_hbond.range_1_auth_asym_id 
_pdbx_struct_sheet_hbond.range_1_auth_seq_id 
_pdbx_struct_sheet_hbond.range_2_label_atom_id 
_pdbx_struct_sheet_hbond.range_2_label_comp_id 
_pdbx_struct_sheet_hbond.range_2_label_asym_id 
_pdbx_struct_sheet_hbond.range_2_label_seq_id 
_pdbx_struct_sheet_hbond.range_2_PDB_ins_code 
_pdbx_struct_sheet_hbond.range_2_auth_atom_id 
_pdbx_struct_sheet_hbond.range_2_auth_comp_id 
_pdbx_struct_sheet_hbond.range_2_auth_asym_id 
_pdbx_struct_sheet_hbond.range_2_auth_seq_id 
AA 1 2 N CYS A 3 ? N CYS A 3 O LYS A 33 ? O LYS A 33 
BA 1 2 N CYS B 3 ? N CYS B 3 O LYS B 33 ? O LYS B 33 
# 
loop_
_struct_site.id 
_struct_site.pdbx_evidence_code 
_struct_site.pdbx_auth_asym_id 
_struct_site.pdbx_auth_comp_id 
_struct_site.pdbx_auth_seq_id 
_struct_site.pdbx_auth_ins_code 
_struct_site.pdbx_num_residues 
_struct_site.details 
AC1 Software A PO4 1047 ? 9 'BINDING SITE FOR RESIDUE PO4 A 1047' 
AC2 Software A SO4 1048 ? 8 'BINDING SITE FOR RESIDUE SO4 A 1048' 
AC3 Software B PO4 1047 ? 3 'BINDING SITE FOR RESIDUE PO4 B 1047' 
# 
loop_
_struct_site_gen.id 
_struct_site_gen.site_id 
_struct_site_gen.pdbx_num_res 
_struct_site_gen.label_comp_id 
_struct_site_gen.label_asym_id 
_struct_site_gen.label_seq_id 
_struct_site_gen.pdbx_auth_ins_code 
_struct_site_gen.auth_comp_id 
_struct_site_gen.auth_asym_id 
_struct_site_gen.auth_seq_id 
_struct_site_gen.label_atom_id 
_struct_site_gen.label_alt_id 
_struct_site_gen.symmetry 
_struct_site_gen.details 
1  AC1 9 LYS A 1  ? LYS A 1    . ? 1_555 ? 
2  AC1 9 SER A 2  ? SER A 2    . ? 1_555 ? 
3  AC1 9 TYR A 13 ? TYR A 13   . ? 1_555 ? 
4  AC1 9 ARG A 23 ? ARG A 23   . ? 1_555 ? 
5  AC1 9 HOH F .  ? HOH A 2021 . ? 1_555 ? 
6  AC1 9 HOH F .  ? HOH A 2052 . ? 1_555 ? 
7  AC1 9 HOH F .  ? HOH A 2053 . ? 1_555 ? 
8  AC1 9 HOH F .  ? HOH A 2054 . ? 1_555 ? 
9  AC1 9 SER B 42 ? SER B 42   . ? 3_456 ? 
10 AC2 8 SER A 38 ? SER A 38   . ? 1_555 ? 
11 AC2 8 THR A 39 ? THR A 39   . ? 1_555 ? 
12 AC2 8 HOH F .  ? HOH A 2043 . ? 1_555 ? 
13 AC2 8 ARG B 17 ? ARG B 17   . ? 4_556 ? 
14 AC2 8 PRO B 22 ? PRO B 22   . ? 4_556 ? 
15 AC2 8 ARG B 23 ? ARG B 23   . ? 4_556 ? 
16 AC2 8 PRO B 24 ? PRO B 24   . ? 4_556 ? 
17 AC2 8 HOH G .  ? HOH B 2030 . ? 3_456 ? 
18 AC3 3 SER B 2  ? SER B 2    . ? 1_555 ? 
19 AC3 3 TYR B 13 ? TYR B 13   . ? 1_555 ? 
20 AC3 3 ARG B 23 ? ARG B 23   . ? 1_555 ? 
# 
_pdbx_entry_details.entry_id                   1OKH 
_pdbx_entry_details.compound_details           ? 
_pdbx_entry_details.source_details             ? 
_pdbx_entry_details.nonpolymer_details         ? 
_pdbx_entry_details.sequence_details           ? 
_pdbx_entry_details.has_ligand_of_interest     ? 
_pdbx_entry_details.has_protein_modification   Y 
# 
_pdbx_validate_rmsd_angle.id                         1 
_pdbx_validate_rmsd_angle.PDB_model_num              1 
_pdbx_validate_rmsd_angle.auth_atom_id_1             CB 
_pdbx_validate_rmsd_angle.auth_asym_id_1             B 
_pdbx_validate_rmsd_angle.auth_comp_id_1             TYR 
_pdbx_validate_rmsd_angle.auth_seq_id_1              13 
_pdbx_validate_rmsd_angle.PDB_ins_code_1             ? 
_pdbx_validate_rmsd_angle.label_alt_id_1             ? 
_pdbx_validate_rmsd_angle.auth_atom_id_2             CG 
_pdbx_validate_rmsd_angle.auth_asym_id_2             B 
_pdbx_validate_rmsd_angle.auth_comp_id_2             TYR 
_pdbx_validate_rmsd_angle.auth_seq_id_2              13 
_pdbx_validate_rmsd_angle.PDB_ins_code_2             ? 
_pdbx_validate_rmsd_angle.label_alt_id_2             ? 
_pdbx_validate_rmsd_angle.auth_atom_id_3             CD2 
_pdbx_validate_rmsd_angle.auth_asym_id_3             B 
_pdbx_validate_rmsd_angle.auth_comp_id_3             TYR 
_pdbx_validate_rmsd_angle.auth_seq_id_3              13 
_pdbx_validate_rmsd_angle.PDB_ins_code_3             ? 
_pdbx_validate_rmsd_angle.label_alt_id_3             ? 
_pdbx_validate_rmsd_angle.angle_value                116.90 
_pdbx_validate_rmsd_angle.angle_target_value         121.00 
_pdbx_validate_rmsd_angle.angle_deviation            -4.10 
_pdbx_validate_rmsd_angle.angle_standard_deviation   0.60 
_pdbx_validate_rmsd_angle.linker_flag                N 
# 
loop_
_pdbx_struct_special_symmetry.id 
_pdbx_struct_special_symmetry.PDB_model_num 
_pdbx_struct_special_symmetry.auth_asym_id 
_pdbx_struct_special_symmetry.auth_comp_id 
_pdbx_struct_special_symmetry.auth_seq_id 
_pdbx_struct_special_symmetry.PDB_ins_code 
_pdbx_struct_special_symmetry.label_asym_id 
_pdbx_struct_special_symmetry.label_comp_id 
_pdbx_struct_special_symmetry.label_seq_id 
1 1 A HOH 2001 ? F HOH . 
2 1 B HOH 2004 ? G HOH . 
3 1 B HOH 2005 ? G HOH . 
4 1 B HOH 2006 ? G HOH . 
# 
loop_
_pdbx_distant_solvent_atoms.id 
_pdbx_distant_solvent_atoms.PDB_model_num 
_pdbx_distant_solvent_atoms.auth_atom_id 
_pdbx_distant_solvent_atoms.label_alt_id 
_pdbx_distant_solvent_atoms.auth_asym_id 
_pdbx_distant_solvent_atoms.auth_comp_id 
_pdbx_distant_solvent_atoms.auth_seq_id 
_pdbx_distant_solvent_atoms.PDB_ins_code 
_pdbx_distant_solvent_atoms.neighbor_macromolecule_distance 
_pdbx_distant_solvent_atoms.neighbor_ligand_distance 
1 1 O ? A HOH 2004 ? 7.22 . 
2 1 O ? B HOH 2005 ? 6.80 . 
# 
loop_
_chem_comp_atom.comp_id 
_chem_comp_atom.atom_id 
_chem_comp_atom.type_symbol 
_chem_comp_atom.pdbx_aromatic_flag 
_chem_comp_atom.pdbx_stereo_config 
_chem_comp_atom.pdbx_ordinal 
ALA N    N N N 1   
ALA CA   C N S 2   
ALA C    C N N 3   
ALA O    O N N 4   
ALA CB   C N N 5   
ALA OXT  O N N 6   
ALA H    H N N 7   
ALA H2   H N N 8   
ALA HA   H N N 9   
ALA HB1  H N N 10  
ALA HB2  H N N 11  
ALA HB3  H N N 12  
ALA HXT  H N N 13  
ARG N    N N N 14  
ARG CA   C N S 15  
ARG C    C N N 16  
ARG O    O N N 17  
ARG CB   C N N 18  
ARG CG   C N N 19  
ARG CD   C N N 20  
ARG NE   N N N 21  
ARG CZ   C N N 22  
ARG NH1  N N N 23  
ARG NH2  N N N 24  
ARG OXT  O N N 25  
ARG H    H N N 26  
ARG H2   H N N 27  
ARG HA   H N N 28  
ARG HB2  H N N 29  
ARG HB3  H N N 30  
ARG HG2  H N N 31  
ARG HG3  H N N 32  
ARG HD2  H N N 33  
ARG HD3  H N N 34  
ARG HE   H N N 35  
ARG HH11 H N N 36  
ARG HH12 H N N 37  
ARG HH21 H N N 38  
ARG HH22 H N N 39  
ARG HXT  H N N 40  
ASN N    N N N 41  
ASN CA   C N S 42  
ASN C    C N N 43  
ASN O    O N N 44  
ASN CB   C N N 45  
ASN CG   C N N 46  
ASN OD1  O N N 47  
ASN ND2  N N N 48  
ASN OXT  O N N 49  
ASN H    H N N 50  
ASN H2   H N N 51  
ASN HA   H N N 52  
ASN HB2  H N N 53  
ASN HB3  H N N 54  
ASN HD21 H N N 55  
ASN HD22 H N N 56  
ASN HXT  H N N 57  
ASP N    N N N 58  
ASP CA   C N S 59  
ASP C    C N N 60  
ASP O    O N N 61  
ASP CB   C N N 62  
ASP CG   C N N 63  
ASP OD1  O N N 64  
ASP OD2  O N N 65  
ASP OXT  O N N 66  
ASP H    H N N 67  
ASP H2   H N N 68  
ASP HA   H N N 69  
ASP HB2  H N N 70  
ASP HB3  H N N 71  
ASP HD2  H N N 72  
ASP HXT  H N N 73  
CYS N    N N N 74  
CYS CA   C N R 75  
CYS C    C N N 76  
CYS O    O N N 77  
CYS CB   C N N 78  
CYS SG   S N N 79  
CYS OXT  O N N 80  
CYS H    H N N 81  
CYS H2   H N N 82  
CYS HA   H N N 83  
CYS HB2  H N N 84  
CYS HB3  H N N 85  
CYS HG   H N N 86  
CYS HXT  H N N 87  
GLY N    N N N 88  
GLY CA   C N N 89  
GLY C    C N N 90  
GLY O    O N N 91  
GLY OXT  O N N 92  
GLY H    H N N 93  
GLY H2   H N N 94  
GLY HA2  H N N 95  
GLY HA3  H N N 96  
GLY HXT  H N N 97  
HOH O    O N N 98  
HOH H1   H N N 99  
HOH H2   H N N 100 
ILE N    N N N 101 
ILE CA   C N S 102 
ILE C    C N N 103 
ILE O    O N N 104 
ILE CB   C N S 105 
ILE CG1  C N N 106 
ILE CG2  C N N 107 
ILE CD1  C N N 108 
ILE OXT  O N N 109 
ILE H    H N N 110 
ILE H2   H N N 111 
ILE HA   H N N 112 
ILE HB   H N N 113 
ILE HG12 H N N 114 
ILE HG13 H N N 115 
ILE HG21 H N N 116 
ILE HG22 H N N 117 
ILE HG23 H N N 118 
ILE HD11 H N N 119 
ILE HD12 H N N 120 
ILE HD13 H N N 121 
ILE HXT  H N N 122 
LEU N    N N N 123 
LEU CA   C N S 124 
LEU C    C N N 125 
LEU O    O N N 126 
LEU CB   C N N 127 
LEU CG   C N N 128 
LEU CD1  C N N 129 
LEU CD2  C N N 130 
LEU OXT  O N N 131 
LEU H    H N N 132 
LEU H2   H N N 133 
LEU HA   H N N 134 
LEU HB2  H N N 135 
LEU HB3  H N N 136 
LEU HG   H N N 137 
LEU HD11 H N N 138 
LEU HD12 H N N 139 
LEU HD13 H N N 140 
LEU HD21 H N N 141 
LEU HD22 H N N 142 
LEU HD23 H N N 143 
LEU HXT  H N N 144 
LYS N    N N N 145 
LYS CA   C N S 146 
LYS C    C N N 147 
LYS O    O N N 148 
LYS CB   C N N 149 
LYS CG   C N N 150 
LYS CD   C N N 151 
LYS CE   C N N 152 
LYS NZ   N N N 153 
LYS OXT  O N N 154 
LYS H    H N N 155 
LYS H2   H N N 156 
LYS HA   H N N 157 
LYS HB2  H N N 158 
LYS HB3  H N N 159 
LYS HG2  H N N 160 
LYS HG3  H N N 161 
LYS HD2  H N N 162 
LYS HD3  H N N 163 
LYS HE2  H N N 164 
LYS HE3  H N N 165 
LYS HZ1  H N N 166 
LYS HZ2  H N N 167 
LYS HZ3  H N N 168 
LYS HXT  H N N 169 
PO4 P    P N N 170 
PO4 O1   O N N 171 
PO4 O2   O N N 172 
PO4 O3   O N N 173 
PO4 O4   O N N 174 
PRO N    N N N 175 
PRO CA   C N S 176 
PRO C    C N N 177 
PRO O    O N N 178 
PRO CB   C N N 179 
PRO CG   C N N 180 
PRO CD   C N N 181 
PRO OXT  O N N 182 
PRO H    H N N 183 
PRO HA   H N N 184 
PRO HB2  H N N 185 
PRO HB3  H N N 186 
PRO HG2  H N N 187 
PRO HG3  H N N 188 
PRO HD2  H N N 189 
PRO HD3  H N N 190 
PRO HXT  H N N 191 
SER N    N N N 192 
SER CA   C N S 193 
SER C    C N N 194 
SER O    O N N 195 
SER CB   C N N 196 
SER OG   O N N 197 
SER OXT  O N N 198 
SER H    H N N 199 
SER H2   H N N 200 
SER HA   H N N 201 
SER HB2  H N N 202 
SER HB3  H N N 203 
SER HG   H N N 204 
SER HXT  H N N 205 
SO4 S    S N N 206 
SO4 O1   O N N 207 
SO4 O2   O N N 208 
SO4 O3   O N N 209 
SO4 O4   O N N 210 
THR N    N N N 211 
THR CA   C N S 212 
THR C    C N N 213 
THR O    O N N 214 
THR CB   C N R 215 
THR OG1  O N N 216 
THR CG2  C N N 217 
THR OXT  O N N 218 
THR H    H N N 219 
THR H2   H N N 220 
THR HA   H N N 221 
THR HB   H N N 222 
THR HG1  H N N 223 
THR HG21 H N N 224 
THR HG22 H N N 225 
THR HG23 H N N 226 
THR HXT  H N N 227 
TYR N    N N N 228 
TYR CA   C N S 229 
TYR C    C N N 230 
TYR O    O N N 231 
TYR CB   C N N 232 
TYR CG   C Y N 233 
TYR CD1  C Y N 234 
TYR CD2  C Y N 235 
TYR CE1  C Y N 236 
TYR CE2  C Y N 237 
TYR CZ   C Y N 238 
TYR OH   O N N 239 
TYR OXT  O N N 240 
TYR H    H N N 241 
TYR H2   H N N 242 
TYR HA   H N N 243 
TYR HB2  H N N 244 
TYR HB3  H N N 245 
TYR HD1  H N N 246 
TYR HD2  H N N 247 
TYR HE1  H N N 248 
TYR HE2  H N N 249 
TYR HH   H N N 250 
TYR HXT  H N N 251 
# 
loop_
_chem_comp_bond.comp_id 
_chem_comp_bond.atom_id_1 
_chem_comp_bond.atom_id_2 
_chem_comp_bond.value_order 
_chem_comp_bond.pdbx_aromatic_flag 
_chem_comp_bond.pdbx_stereo_config 
_chem_comp_bond.pdbx_ordinal 
ALA N   CA   sing N N 1   
ALA N   H    sing N N 2   
ALA N   H2   sing N N 3   
ALA CA  C    sing N N 4   
ALA CA  CB   sing N N 5   
ALA CA  HA   sing N N 6   
ALA C   O    doub N N 7   
ALA C   OXT  sing N N 8   
ALA CB  HB1  sing N N 9   
ALA CB  HB2  sing N N 10  
ALA CB  HB3  sing N N 11  
ALA OXT HXT  sing N N 12  
ARG N   CA   sing N N 13  
ARG N   H    sing N N 14  
ARG N   H2   sing N N 15  
ARG CA  C    sing N N 16  
ARG CA  CB   sing N N 17  
ARG CA  HA   sing N N 18  
ARG C   O    doub N N 19  
ARG C   OXT  sing N N 20  
ARG CB  CG   sing N N 21  
ARG CB  HB2  sing N N 22  
ARG CB  HB3  sing N N 23  
ARG CG  CD   sing N N 24  
ARG CG  HG2  sing N N 25  
ARG CG  HG3  sing N N 26  
ARG CD  NE   sing N N 27  
ARG CD  HD2  sing N N 28  
ARG CD  HD3  sing N N 29  
ARG NE  CZ   sing N N 30  
ARG NE  HE   sing N N 31  
ARG CZ  NH1  sing N N 32  
ARG CZ  NH2  doub N N 33  
ARG NH1 HH11 sing N N 34  
ARG NH1 HH12 sing N N 35  
ARG NH2 HH21 sing N N 36  
ARG NH2 HH22 sing N N 37  
ARG OXT HXT  sing N N 38  
ASN N   CA   sing N N 39  
ASN N   H    sing N N 40  
ASN N   H2   sing N N 41  
ASN CA  C    sing N N 42  
ASN CA  CB   sing N N 43  
ASN CA  HA   sing N N 44  
ASN C   O    doub N N 45  
ASN C   OXT  sing N N 46  
ASN CB  CG   sing N N 47  
ASN CB  HB2  sing N N 48  
ASN CB  HB3  sing N N 49  
ASN CG  OD1  doub N N 50  
ASN CG  ND2  sing N N 51  
ASN ND2 HD21 sing N N 52  
ASN ND2 HD22 sing N N 53  
ASN OXT HXT  sing N N 54  
ASP N   CA   sing N N 55  
ASP N   H    sing N N 56  
ASP N   H2   sing N N 57  
ASP CA  C    sing N N 58  
ASP CA  CB   sing N N 59  
ASP CA  HA   sing N N 60  
ASP C   O    doub N N 61  
ASP C   OXT  sing N N 62  
ASP CB  CG   sing N N 63  
ASP CB  HB2  sing N N 64  
ASP CB  HB3  sing N N 65  
ASP CG  OD1  doub N N 66  
ASP CG  OD2  sing N N 67  
ASP OD2 HD2  sing N N 68  
ASP OXT HXT  sing N N 69  
CYS N   CA   sing N N 70  
CYS N   H    sing N N 71  
CYS N   H2   sing N N 72  
CYS CA  C    sing N N 73  
CYS CA  CB   sing N N 74  
CYS CA  HA   sing N N 75  
CYS C   O    doub N N 76  
CYS C   OXT  sing N N 77  
CYS CB  SG   sing N N 78  
CYS CB  HB2  sing N N 79  
CYS CB  HB3  sing N N 80  
CYS SG  HG   sing N N 81  
CYS OXT HXT  sing N N 82  
GLY N   CA   sing N N 83  
GLY N   H    sing N N 84  
GLY N   H2   sing N N 85  
GLY CA  C    sing N N 86  
GLY CA  HA2  sing N N 87  
GLY CA  HA3  sing N N 88  
GLY C   O    doub N N 89  
GLY C   OXT  sing N N 90  
GLY OXT HXT  sing N N 91  
HOH O   H1   sing N N 92  
HOH O   H2   sing N N 93  
ILE N   CA   sing N N 94  
ILE N   H    sing N N 95  
ILE N   H2   sing N N 96  
ILE CA  C    sing N N 97  
ILE CA  CB   sing N N 98  
ILE CA  HA   sing N N 99  
ILE C   O    doub N N 100 
ILE C   OXT  sing N N 101 
ILE CB  CG1  sing N N 102 
ILE CB  CG2  sing N N 103 
ILE CB  HB   sing N N 104 
ILE CG1 CD1  sing N N 105 
ILE CG1 HG12 sing N N 106 
ILE CG1 HG13 sing N N 107 
ILE CG2 HG21 sing N N 108 
ILE CG2 HG22 sing N N 109 
ILE CG2 HG23 sing N N 110 
ILE CD1 HD11 sing N N 111 
ILE CD1 HD12 sing N N 112 
ILE CD1 HD13 sing N N 113 
ILE OXT HXT  sing N N 114 
LEU N   CA   sing N N 115 
LEU N   H    sing N N 116 
LEU N   H2   sing N N 117 
LEU CA  C    sing N N 118 
LEU CA  CB   sing N N 119 
LEU CA  HA   sing N N 120 
LEU C   O    doub N N 121 
LEU C   OXT  sing N N 122 
LEU CB  CG   sing N N 123 
LEU CB  HB2  sing N N 124 
LEU CB  HB3  sing N N 125 
LEU CG  CD1  sing N N 126 
LEU CG  CD2  sing N N 127 
LEU CG  HG   sing N N 128 
LEU CD1 HD11 sing N N 129 
LEU CD1 HD12 sing N N 130 
LEU CD1 HD13 sing N N 131 
LEU CD2 HD21 sing N N 132 
LEU CD2 HD22 sing N N 133 
LEU CD2 HD23 sing N N 134 
LEU OXT HXT  sing N N 135 
LYS N   CA   sing N N 136 
LYS N   H    sing N N 137 
LYS N   H2   sing N N 138 
LYS CA  C    sing N N 139 
LYS CA  CB   sing N N 140 
LYS CA  HA   sing N N 141 
LYS C   O    doub N N 142 
LYS C   OXT  sing N N 143 
LYS CB  CG   sing N N 144 
LYS CB  HB2  sing N N 145 
LYS CB  HB3  sing N N 146 
LYS CG  CD   sing N N 147 
LYS CG  HG2  sing N N 148 
LYS CG  HG3  sing N N 149 
LYS CD  CE   sing N N 150 
LYS CD  HD2  sing N N 151 
LYS CD  HD3  sing N N 152 
LYS CE  NZ   sing N N 153 
LYS CE  HE2  sing N N 154 
LYS CE  HE3  sing N N 155 
LYS NZ  HZ1  sing N N 156 
LYS NZ  HZ2  sing N N 157 
LYS NZ  HZ3  sing N N 158 
LYS OXT HXT  sing N N 159 
PO4 P   O1   doub N N 160 
PO4 P   O2   sing N N 161 
PO4 P   O3   sing N N 162 
PO4 P   O4   sing N N 163 
PRO N   CA   sing N N 164 
PRO N   CD   sing N N 165 
PRO N   H    sing N N 166 
PRO CA  C    sing N N 167 
PRO CA  CB   sing N N 168 
PRO CA  HA   sing N N 169 
PRO C   O    doub N N 170 
PRO C   OXT  sing N N 171 
PRO CB  CG   sing N N 172 
PRO CB  HB2  sing N N 173 
PRO CB  HB3  sing N N 174 
PRO CG  CD   sing N N 175 
PRO CG  HG2  sing N N 176 
PRO CG  HG3  sing N N 177 
PRO CD  HD2  sing N N 178 
PRO CD  HD3  sing N N 179 
PRO OXT HXT  sing N N 180 
SER N   CA   sing N N 181 
SER N   H    sing N N 182 
SER N   H2   sing N N 183 
SER CA  C    sing N N 184 
SER CA  CB   sing N N 185 
SER CA  HA   sing N N 186 
SER C   O    doub N N 187 
SER C   OXT  sing N N 188 
SER CB  OG   sing N N 189 
SER CB  HB2  sing N N 190 
SER CB  HB3  sing N N 191 
SER OG  HG   sing N N 192 
SER OXT HXT  sing N N 193 
SO4 S   O1   doub N N 194 
SO4 S   O2   doub N N 195 
SO4 S   O3   sing N N 196 
SO4 S   O4   sing N N 197 
THR N   CA   sing N N 198 
THR N   H    sing N N 199 
THR N   H2   sing N N 200 
THR CA  C    sing N N 201 
THR CA  CB   sing N N 202 
THR CA  HA   sing N N 203 
THR C   O    doub N N 204 
THR C   OXT  sing N N 205 
THR CB  OG1  sing N N 206 
THR CB  CG2  sing N N 207 
THR CB  HB   sing N N 208 
THR OG1 HG1  sing N N 209 
THR CG2 HG21 sing N N 210 
THR CG2 HG22 sing N N 211 
THR CG2 HG23 sing N N 212 
THR OXT HXT  sing N N 213 
TYR N   CA   sing N N 214 
TYR N   H    sing N N 215 
TYR N   H2   sing N N 216 
TYR CA  C    sing N N 217 
TYR CA  CB   sing N N 218 
TYR CA  HA   sing N N 219 
TYR C   O    doub N N 220 
TYR C   OXT  sing N N 221 
TYR CB  CG   sing N N 222 
TYR CB  HB2  sing N N 223 
TYR CB  HB3  sing N N 224 
TYR CG  CD1  doub Y N 225 
TYR CG  CD2  sing Y N 226 
TYR CD1 CE1  sing Y N 227 
TYR CD1 HD1  sing N N 228 
TYR CD2 CE2  doub Y N 229 
TYR CD2 HD2  sing N N 230 
TYR CE1 CZ   doub Y N 231 
TYR CE1 HE1  sing N N 232 
TYR CE2 CZ   sing Y N 233 
TYR CE2 HE2  sing N N 234 
TYR CZ  OH   sing N N 235 
TYR OH  HH   sing N N 236 
TYR OXT HXT  sing N N 237 
# 
_atom_sites.entry_id                    1OKH 
_atom_sites.fract_transf_matrix[1][1]   -0.00749022 
_atom_sites.fract_transf_matrix[1][2]   -0.01890159 
_atom_sites.fract_transf_matrix[1][3]   -0.00455231 
_atom_sites.fract_transf_matrix[2][1]   -0.00071532 
_atom_sites.fract_transf_matrix[2][2]   -0.00314099 
_atom_sites.fract_transf_matrix[2][3]   0.01421864 
_atom_sites.fract_transf_matrix[3][1]   -0.03688463 
_atom_sites.fract_transf_matrix[3][2]   0.01430241 
_atom_sites.fract_transf_matrix[3][3]   0.00130387 
_atom_sites.fract_transf_vector[1]      -0.127784 
_atom_sites.fract_transf_vector[2]      0.072740 
_atom_sites.fract_transf_vector[3]      0.609811 
# 
loop_
_atom_type.symbol 
C 
N 
O 
P 
S 
# 
loop_
_atom_site.group_PDB 
_atom_site.id 
_atom_site.type_symbol 
_atom_site.label_atom_id 
_atom_site.label_alt_id 
_atom_site.label_comp_id 
_atom_site.label_asym_id 
_atom_site.label_entity_id 
_atom_site.label_seq_id 
_atom_site.pdbx_PDB_ins_code 
_atom_site.Cartn_x 
_atom_site.Cartn_y 
_atom_site.Cartn_z 
_atom_site.occupancy 
_atom_site.B_iso_or_equiv 
_atom_site.pdbx_formal_charge 
_atom_site.auth_seq_id 
_atom_site.auth_comp_id 
_atom_site.auth_asym_id 
_atom_site.auth_atom_id 
_atom_site.pdbx_PDB_model_num 
ATOM   1   N N   . LYS A 1 1  ? 7.942   -10.789 12.902  1.00 15.85 ? 1    LYS A N   1 
ATOM   2   C CA  . LYS A 1 1  ? 8.128   -11.094 11.481  1.00 19.05 ? 1    LYS A CA  1 
ATOM   3   C C   . LYS A 1 1  ? 6.784   -11.014 10.766  1.00 12.14 ? 1    LYS A C   1 
ATOM   4   O O   . LYS A 1 1  ? 5.748   -10.978 11.430  1.00 16.78 ? 1    LYS A O   1 
ATOM   5   C CB  . LYS A 1 1  ? 8.738   -12.464 11.234  1.00 19.27 ? 1    LYS A CB  1 
ATOM   6   C CG  . LYS A 1 1  ? 7.888   -13.679 11.536  1.00 22.99 ? 1    LYS A CG  1 
ATOM   7   C CD  . LYS A 1 1  ? 8.737   -14.947 11.502  1.00 30.10 ? 1    LYS A CD  1 
ATOM   8   C CE  . LYS A 1 1  ? 8.286   -15.881 10.392  1.00 31.76 ? 1    LYS A CE  1 
ATOM   9   N NZ  . LYS A 1 1  ? 9.434   -16.656 9.857   1.00 39.09 ? 1    LYS A NZ  1 
ATOM   10  N N   . SER A 1 2  ? 6.823   -10.976 9.436   1.00 11.35 ? 2    SER A N   1 
ATOM   11  C CA  . SER A 1 2  ? 5.576   -10.823 8.701   1.00 8.64  ? 2    SER A CA  1 
ATOM   12  C C   . SER A 1 2  ? 5.123   -12.193 8.203   1.00 6.93  ? 2    SER A C   1 
ATOM   13  O O   . SER A 1 2  ? 5.991   -12.996 7.876   1.00 10.80 ? 2    SER A O   1 
ATOM   14  C CB  . SER A 1 2  ? 5.741   -9.895  7.501   1.00 11.53 ? 2    SER A CB  1 
ATOM   15  O OG  . SER A 1 2  ? 6.803   -10.412 6.692   1.00 15.57 ? 2    SER A OG  1 
ATOM   16  N N   . CYS A 1 3  ? 3.820   -12.381 8.186   1.00 11.83 ? 3    CYS A N   1 
ATOM   17  C CA  . CYS A 1 3  ? 3.234   -13.663 7.786   1.00 14.79 ? 3    CYS A CA  1 
ATOM   18  C C   . CYS A 1 3  ? 2.119   -13.387 6.784   1.00 13.71 ? 3    CYS A C   1 
ATOM   19  O O   . CYS A 1 3  ? 1.310   -12.503 7.071   1.00 13.46 ? 3    CYS A O   1 
ATOM   20  C CB  . CYS A 1 3  ? 2.690   -14.396 9.007   1.00 11.34 ? 3    CYS A CB  1 
ATOM   21  S SG  . CYS A 1 3  ? 3.955   -14.734 10.255  1.00 12.71 ? 3    CYS A SG  1 
ATOM   22  N N   . CYS A 1 4  ? 2.097   -14.084 5.657   1.00 11.42 ? 4    CYS A N   1 
ATOM   23  C CA  . CYS A 1 4  ? 1.104   -13.729 4.637   1.00 11.51 ? 4    CYS A CA  1 
ATOM   24  C C   . CYS A 1 4  ? 0.243   -14.924 4.259   1.00 8.81  ? 4    CYS A C   1 
ATOM   25  O O   . CYS A 1 4  ? 0.696   -16.065 4.252   1.00 14.84 ? 4    CYS A O   1 
ATOM   26  C CB  . CYS A 1 4  ? 1.817   -13.209 3.383   1.00 12.61 ? 4    CYS A CB  1 
ATOM   27  S SG  . CYS A 1 4  ? 2.751   -11.677 3.705   1.00 11.96 ? 4    CYS A SG  1 
ATOM   28  N N   . PRO A 1 5  ? -1.005  -14.662 3.946   1.00 7.81  ? 5    PRO A N   1 
ATOM   29  C CA  . PRO A 1 5  ? -1.910  -15.764 3.602   1.00 16.71 ? 5    PRO A CA  1 
ATOM   30  C C   . PRO A 1 5  ? -1.586  -16.432 2.270   1.00 19.94 ? 5    PRO A C   1 
ATOM   31  O O   . PRO A 1 5  ? -1.889  -17.613 2.049   1.00 13.29 ? 5    PRO A O   1 
ATOM   32  C CB  . PRO A 1 5  ? -3.273  -15.069 3.531   1.00 14.89 ? 5    PRO A CB  1 
ATOM   33  C CG  . PRO A 1 5  ? -3.005  -13.613 3.390   1.00 18.69 ? 5    PRO A CG  1 
ATOM   34  C CD  . PRO A 1 5  ? -1.651  -13.333 3.949   1.00 12.67 ? 5    PRO A CD  1 
ATOM   35  N N   . ASN A 1 6  ? -0.968  -15.673 1.366   1.00 16.33 ? 6    ASN A N   1 
ATOM   36  C CA  . ASN A 1 6  ? -0.723  -16.202 0.025   1.00 14.26 ? 6    ASN A CA  1 
ATOM   37  C C   . ASN A 1 6  ? 0.325   -15.352 -0.676  1.00 19.13 ? 6    ASN A C   1 
ATOM   38  O O   . ASN A 1 6  ? 0.785   -14.322 -0.181  1.00 17.29 ? 6    ASN A O   1 
ATOM   39  C CB  . ASN A 1 6  ? -2.024  -16.253 -0.783  1.00 11.58 ? 6    ASN A CB  1 
ATOM   40  C CG  . ASN A 1 6  ? -2.740  -14.919 -0.778  1.00 14.96 ? 6    ASN A CG  1 
ATOM   41  O OD1 . ASN A 1 6  ? -2.087  -13.878 -0.834  1.00 14.66 ? 6    ASN A OD1 1 
ATOM   42  N ND2 . ASN A 1 6  ? -4.063  -14.941 -0.711  1.00 13.70 ? 6    ASN A ND2 1 
ATOM   43  N N   . THR A 1 7  ? 0.721   -15.809 -1.856  1.00 18.69 ? 7    THR A N   1 
ATOM   44  C CA  . THR A 1 7  ? 1.772   -15.167 -2.632  1.00 15.33 ? 7    THR A CA  1 
ATOM   45  C C   . THR A 1 7  ? 1.456   -13.725 -3.001  1.00 15.95 ? 7    THR A C   1 
ATOM   46  O O   . THR A 1 7  ? 2.293   -12.822 -2.932  1.00 16.57 ? 7    THR A O   1 
ATOM   47  C CB  . THR A 1 7  ? 1.981   -16.031 -3.894  1.00 21.08 ? 7    THR A CB  1 
ATOM   48  O OG1 . THR A 1 7  ? 2.647   -17.233 -3.460  1.00 25.60 ? 7    THR A OG1 1 
ATOM   49  C CG2 . THR A 1 7  ? 2.877   -15.327 -4.889  1.00 19.77 ? 7    THR A CG2 1 
ATOM   50  N N   . THR A 1 8  ? 0.217   -13.519 -3.408  1.00 10.89 ? 8    THR A N   1 
ATOM   51  C CA  . THR A 1 8  ? -0.305  -12.202 -3.708  1.00 18.83 ? 8    THR A CA  1 
ATOM   52  C C   . THR A 1 8  ? 0.003   -11.263 -2.542  1.00 19.52 ? 8    THR A C   1 
ATOM   53  O O   . THR A 1 8  ? 0.494   -10.164 -2.738  1.00 10.70 ? 8    THR A O   1 
ATOM   54  C CB  . THR A 1 8  ? -1.827  -12.229 -3.933  1.00 23.46 ? 8    THR A CB  1 
ATOM   55  O OG1 . THR A 1 8  ? -2.139  -13.137 -4.994  1.00 22.54 ? 8    THR A OG1 1 
ATOM   56  C CG2 . THR A 1 8  ? -2.339  -10.854 -4.347  1.00 18.76 ? 8    THR A CG2 1 
ATOM   57  N N   . GLY A 1 9  ? -0.305  -11.730 -1.332  1.00 20.74 ? 9    GLY A N   1 
ATOM   58  C CA  . GLY A 1 9  ? -0.071  -10.926 -0.143  1.00 15.47 ? 9    GLY A CA  1 
ATOM   59  C C   . GLY A 1 9  ? 1.405   -10.675 0.064   1.00 11.04 ? 9    GLY A C   1 
ATOM   60  O O   . GLY A 1 9  ? 1.785   -9.537  0.371   1.00 11.41 ? 9    GLY A O   1 
ATOM   61  N N   . ARG A 1 10 ? 2.225   -11.712 -0.091  1.00 9.15  ? 10   ARG A N   1 
ATOM   62  C CA  . ARG A 1 10 ? 3.668   -11.559 0.131   1.00 9.25  ? 10   ARG A CA  1 
ATOM   63  C C   . ARG A 1 10 ? 4.280   -10.568 -0.848  1.00 12.39 ? 10   ARG A C   1 
ATOM   64  O O   . ARG A 1 10 ? 5.087   -9.717  -0.476  1.00 11.01 ? 10   ARG A O   1 
ATOM   65  C CB  . ARG A 1 10 ? 4.354   -12.922 0.063   1.00 8.76  ? 10   ARG A CB  1 
ATOM   66  C CG  . ARG A 1 10 ? 5.866   -12.855 0.134   1.00 13.02 ? 10   ARG A CG  1 
ATOM   67  C CD  . ARG A 1 10 ? 6.331   -12.102 1.373   1.00 12.84 ? 10   ARG A CD  1 
ATOM   68  N NE  . ARG A 1 10 ? 6.008   -12.820 2.598   1.00 14.76 ? 10   ARG A NE  1 
ATOM   69  C CZ  . ARG A 1 10 ? 6.181   -12.321 3.823   1.00 20.59 ? 10   ARG A CZ  1 
ATOM   70  N NH1 . ARG A 1 10 ? 6.678   -11.095 3.999   1.00 17.24 ? 10   ARG A NH1 1 
ATOM   71  N NH2 . ARG A 1 10 ? 5.858   -13.044 4.883   1.00 10.63 ? 10   ARG A NH2 1 
ATOM   72  N N   . ASN A 1 11 ? 3.905   -10.648 -2.117  1.00 13.44 ? 11   ASN A N   1 
ATOM   73  C CA  . ASN A 1 11 ? 4.297   -9.699  -3.149  1.00 14.66 ? 11   ASN A CA  1 
ATOM   74  C C   . ASN A 1 11 ? 4.008   -8.242  -2.786  1.00 11.44 ? 11   ASN A C   1 
ATOM   75  O O   . ASN A 1 11 ? 4.854   -7.350  -2.876  1.00 15.74 ? 11   ASN A O   1 
ATOM   76  C CB  . ASN A 1 11 ? 3.493   -10.020 -4.419  1.00 15.87 ? 11   ASN A CB  1 
ATOM   77  C CG  . ASN A 1 11 ? 3.983   -11.268 -5.125  1.00 23.53 ? 11   ASN A CG  1 
ATOM   78  O OD1 . ASN A 1 11 ? 5.078   -11.740 -4.833  1.00 25.55 ? 11   ASN A OD1 1 
ATOM   79  N ND2 . ASN A 1 11 ? 3.176   -11.780 -6.048  1.00 37.12 ? 11   ASN A ND2 1 
ATOM   80  N N   . ILE A 1 12 ? 2.767   -8.006  -2.370  1.00 8.61  ? 12   ILE A N   1 
ATOM   81  C CA  . ILE A 1 12 ? 2.312   -6.669  -2.007  1.00 14.39 ? 12   ILE A CA  1 
ATOM   82  C C   . ILE A 1 12 ? 2.996   -6.170  -0.744  1.00 18.28 ? 12   ILE A C   1 
ATOM   83  O O   . ILE A 1 12 ? 3.441   -5.028  -0.699  1.00 11.01 ? 12   ILE A O   1 
ATOM   84  C CB  . ILE A 1 12 ? 0.785   -6.652  -1.842  1.00 11.04 ? 12   ILE A CB  1 
ATOM   85  C CG1 . ILE A 1 12 ? 0.086   -6.955  -3.175  1.00 11.69 ? 12   ILE A CG1 1 
ATOM   86  C CG2 . ILE A 1 12 ? 0.296   -5.363  -1.211  1.00 8.98  ? 12   ILE A CG2 1 
ATOM   87  C CD1 . ILE A 1 12 ? -1.354  -7.401  -3.023  1.00 12.82 ? 12   ILE A CD1 1 
ATOM   88  N N   . TYR A 1 13 ? 3.100   -7.009  0.283   1.00 11.78 ? 13   TYR A N   1 
ATOM   89  C CA  . TYR A 1 13 ? 3.762   -6.569  1.510   1.00 10.40 ? 13   TYR A CA  1 
ATOM   90  C C   . TYR A 1 13 ? 5.201   -6.182  1.185   1.00 16.09 ? 13   TYR A C   1 
ATOM   91  O O   . TYR A 1 13 ? 5.711   -5.146  1.620   1.00 11.34 ? 13   TYR A O   1 
ATOM   92  C CB  . TYR A 1 13 ? 3.695   -7.662  2.595   1.00 13.70 ? 13   TYR A CB  1 
ATOM   93  C CG  . TYR A 1 13 ? 4.406   -7.259  3.877   1.00 11.82 ? 13   TYR A CG  1 
ATOM   94  C CD1 . TYR A 1 13 ? 3.671   -6.577  4.840   1.00 13.53 ? 13   TYR A CD1 1 
ATOM   95  C CD2 . TYR A 1 13 ? 5.746   -7.560  4.109   1.00 9.44  ? 13   TYR A CD2 1 
ATOM   96  C CE1 . TYR A 1 13 ? 4.279   -6.196  6.029   1.00 9.22  ? 13   TYR A CE1 1 
ATOM   97  C CE2 . TYR A 1 13 ? 6.359   -7.169  5.286   1.00 10.81 ? 13   TYR A CE2 1 
ATOM   98  C CZ  . TYR A 1 13 ? 5.607   -6.492  6.225   1.00 9.14  ? 13   TYR A CZ  1 
ATOM   99  O OH  . TYR A 1 13 ? 6.226   -6.103  7.395   1.00 14.70 ? 13   TYR A OH  1 
ATOM   100 N N   . ASN A 1 14 ? 5.888   -7.046  0.436   1.00 12.48 ? 14   ASN A N   1 
ATOM   101 C CA  . ASN A 1 14 ? 7.293   -6.742  0.175   1.00 9.77  ? 14   ASN A CA  1 
ATOM   102 C C   . ASN A 1 14 ? 7.423   -5.455  -0.619  1.00 9.97  ? 14   ASN A C   1 
ATOM   103 O O   . ASN A 1 14 ? 8.236   -4.595  -0.275  1.00 12.08 ? 14   ASN A O   1 
ATOM   104 C CB  . ASN A 1 14 ? 7.970   -7.881  -0.579  1.00 12.15 ? 14   ASN A CB  1 
ATOM   105 C CG  . ASN A 1 14 ? 8.341   -9.039  0.320   1.00 17.17 ? 14   ASN A CG  1 
ATOM   106 O OD1 . ASN A 1 14 ? 8.149   -9.024  1.541   1.00 14.47 ? 14   ASN A OD1 1 
ATOM   107 N ND2 . ASN A 1 14 ? 8.880   -10.078 -0.315  1.00 14.63 ? 14   ASN A ND2 1 
ATOM   108 N N   . ALA A 1 15 ? 6.635   -5.314  -1.683  1.00 12.05 ? 15   ALA A N   1 
ATOM   109 C CA  . ALA A 1 15 ? 6.738   -4.094  -2.484  1.00 9.94  ? 15   ALA A CA  1 
ATOM   110 C C   . ALA A 1 15 ? 6.438   -2.860  -1.642  1.00 18.11 ? 15   ALA A C   1 
ATOM   111 O O   . ALA A 1 15 ? 7.044   -1.783  -1.707  1.00 12.65 ? 15   ALA A O   1 
ATOM   112 C CB  . ALA A 1 15 ? 5.788   -4.202  -3.666  1.00 17.25 ? 15   ALA A CB  1 
ATOM   113 N N   . CYS A 1 16 ? 5.425   -2.993  -0.775  1.00 8.14  ? 16   CYS A N   1 
ATOM   114 C CA  . CYS A 1 16 ? 5.038   -1.875  0.073   1.00 7.60  ? 16   CYS A CA  1 
ATOM   115 C C   . CYS A 1 16 ? 6.186   -1.487  0.993   1.00 7.84  ? 16   CYS A C   1 
ATOM   116 O O   . CYS A 1 16 ? 6.518   -0.318  1.188   1.00 9.52  ? 16   CYS A O   1 
ATOM   117 C CB  . CYS A 1 16 ? 3.783   -2.319  0.851   1.00 7.05  ? 16   CYS A CB  1 
ATOM   118 S SG  . CYS A 1 16 ? 3.255   -1.108  2.075   1.00 10.80 ? 16   CYS A SG  1 
ATOM   119 N N   . ARG A 1 17 ? 6.820   -2.484  1.597   1.00 8.67  ? 17   ARG A N   1 
ATOM   120 C CA  . ARG A 1 17 ? 7.904   -2.201  2.530   1.00 9.90  ? 17   ARG A CA  1 
ATOM   121 C C   . ARG A 1 17 ? 9.075   -1.567  1.802   1.00 10.22 ? 17   ARG A C   1 
ATOM   122 O O   . ARG A 1 17 ? 9.792   -0.753  2.388   1.00 14.37 ? 17   ARG A O   1 
ATOM   123 C CB  . ARG A 1 17 ? 8.352   -3.477  3.257   1.00 11.25 ? 17   ARG A CB  1 
ATOM   124 C CG  . ARG A 1 17 ? 7.348   -3.952  4.301   1.00 14.46 ? 17   ARG A CG  1 
ATOM   125 C CD  . ARG A 1 17 ? 7.308   -2.986  5.483   1.00 13.12 ? 17   ARG A CD  1 
ATOM   126 N NE  . ARG A 1 17 ? 8.566   -3.085  6.233   1.00 14.01 ? 17   ARG A NE  1 
ATOM   127 C CZ  . ARG A 1 17 ? 9.076   -2.091  6.956   1.00 17.06 ? 17   ARG A CZ  1 
ATOM   128 N NH1 . ARG A 1 17 ? 8.445   -0.923  7.028   1.00 11.02 ? 17   ARG A NH1 1 
ATOM   129 N NH2 . ARG A 1 17 ? 10.231  -2.279  7.604   1.00 13.85 ? 17   ARG A NH2 1 
ATOM   130 N N   . LEU A 1 18 ? 9.317   -1.894  0.537   1.00 11.40 ? 18   LEU A N   1 
ATOM   131 C CA  . LEU A 1 18 ? 10.434  -1.235  -0.152  1.00 15.76 ? 18   LEU A CA  1 
ATOM   132 C C   . LEU A 1 18 ? 10.183  0.253   -0.361  1.00 21.76 ? 18   LEU A C   1 
ATOM   133 O O   . LEU A 1 18 ? 11.087  1.068   -0.577  1.00 26.86 ? 18   LEU A O   1 
ATOM   134 C CB  . LEU A 1 18 ? 10.675  -1.921  -1.507  1.00 12.29 ? 18   LEU A CB  1 
ATOM   135 C CG  . LEU A 1 18 ? 11.420  -3.260  -1.416  1.00 22.03 ? 18   LEU A CG  1 
ATOM   136 C CD1 . LEU A 1 18 ? 11.413  -3.949  -2.774  1.00 25.56 ? 18   LEU A CD1 1 
ATOM   137 C CD2 . LEU A 1 18 ? 12.823  -3.025  -0.875  1.00 23.32 ? 18   LEU A CD2 1 
ATOM   138 N N   . THR A 1 19 ? 8.926   0.693   -0.333  1.00 10.48 ? 19   THR A N   1 
ATOM   139 C CA  . THR A 1 19 ? 8.712   2.125   -0.431  1.00 9.58  ? 19   THR A CA  1 
ATOM   140 C C   . THR A 1 19 ? 8.974   2.791   0.913   1.00 16.57 ? 19   THR A C   1 
ATOM   141 O O   . THR A 1 19 ? 8.936   4.023   0.951   1.00 21.54 ? 19   THR A O   1 
ATOM   142 C CB  . THR A 1 19 ? 7.291   2.502   -0.873  1.00 10.22 ? 19   THR A CB  1 
ATOM   143 O OG1 . THR A 1 19 ? 6.359   2.168   0.175   1.00 14.99 ? 19   THR A OG1 1 
ATOM   144 C CG2 . THR A 1 19 ? 6.894   1.736   -2.116  1.00 16.84 ? 19   THR A CG2 1 
ATOM   145 N N   . GLY A 1 20 ? 9.226   2.062   1.990   1.00 12.57 ? 20   GLY A N   1 
ATOM   146 C CA  . GLY A 1 20 ? 9.424   2.659   3.302   1.00 10.73 ? 20   GLY A CA  1 
ATOM   147 C C   . GLY A 1 20 ? 8.144   2.795   4.100   1.00 12.45 ? 20   GLY A C   1 
ATOM   148 O O   . GLY A 1 20 ? 8.148   3.326   5.227   1.00 16.11 ? 20   GLY A O   1 
ATOM   149 N N   . ALA A 1 21 ? 6.993   2.331   3.618   1.00 10.97 ? 21   ALA A N   1 
ATOM   150 C CA  . ALA A 1 21 ? 5.747   2.446   4.377   1.00 12.18 ? 21   ALA A CA  1 
ATOM   151 C C   . ALA A 1 21 ? 5.796   1.555   5.622   1.00 15.53 ? 21   ALA A C   1 
ATOM   152 O O   . ALA A 1 21 ? 6.454   0.505   5.573   1.00 11.67 ? 21   ALA A O   1 
ATOM   153 C CB  . ALA A 1 21 ? 4.554   2.063   3.533   1.00 10.22 ? 21   ALA A CB  1 
ATOM   154 N N   . PRO A 1 22 ? 5.136   1.972   6.685   1.00 12.22 ? 22   PRO A N   1 
ATOM   155 C CA  . PRO A 1 22 ? 5.132   1.246   7.961   1.00 15.76 ? 22   PRO A CA  1 
ATOM   156 C C   . PRO A 1 22 ? 4.570   -0.168  7.859   1.00 21.15 ? 22   PRO A C   1 
ATOM   157 O O   . PRO A 1 22 ? 3.650   -0.410  7.061   1.00 13.93 ? 22   PRO A O   1 
ATOM   158 C CB  . PRO A 1 22 ? 4.194   2.094   8.837   1.00 13.72 ? 22   PRO A CB  1 
ATOM   159 C CG  . PRO A 1 22 ? 4.323   3.474   8.266   1.00 14.99 ? 22   PRO A CG  1 
ATOM   160 C CD  . PRO A 1 22 ? 4.327   3.216   6.776   1.00 12.95 ? 22   PRO A CD  1 
ATOM   161 N N   . ARG A 1 23 ? 5.091   -1.099  8.662   1.00 11.06 ? 23   ARG A N   1 
ATOM   162 C CA  . ARG A 1 23 ? 4.618   -2.476  8.584   1.00 7.71  ? 23   ARG A CA  1 
ATOM   163 C C   . ARG A 1 23 ? 3.107   -2.590  8.768   1.00 11.10 ? 23   ARG A C   1 
ATOM   164 O O   . ARG A 1 23 ? 2.502   -3.391  8.028   1.00 12.61 ? 23   ARG A O   1 
ATOM   165 C CB  . ARG A 1 23 ? 5.334   -3.377  9.603   1.00 11.59 ? 23   ARG A CB  1 
ATOM   166 C CG  . ARG A 1 23 ? 6.853   -3.400  9.466   1.00 10.73 ? 23   ARG A CG  1 
ATOM   167 C CD  . ARG A 1 23 ? 7.479   -4.174  10.641  1.00 16.88 ? 23   ARG A CD  1 
ATOM   168 N NE  . ARG A 1 23 ? 8.930   -4.315  10.418  1.00 17.31 ? 23   ARG A NE  1 
ATOM   169 C CZ  . ARG A 1 23 ? 9.814   -3.389  10.770  1.00 17.27 ? 23   ARG A CZ  1 
ATOM   170 N NH1 . ARG A 1 23 ? 9.399   -2.278  11.361  1.00 19.70 ? 23   ARG A NH1 1 
ATOM   171 N NH2 . ARG A 1 23 ? 11.116  -3.553  10.544  1.00 18.63 ? 23   ARG A NH2 1 
ATOM   172 N N   . PRO A 1 24 ? 2.415   -1.908  9.669   1.00 11.85 ? 24   PRO A N   1 
ATOM   173 C CA  . PRO A 1 24 ? 0.960   -2.117  9.779   1.00 8.98  ? 24   PRO A CA  1 
ATOM   174 C C   . PRO A 1 24 ? 0.202   -1.717  8.526   1.00 12.89 ? 24   PRO A C   1 
ATOM   175 O O   . PRO A 1 24 ? -0.833  -2.295  8.187   1.00 13.46 ? 24   PRO A O   1 
ATOM   176 C CB  . PRO A 1 24 ? 0.546   -1.185  10.937  1.00 11.22 ? 24   PRO A CB  1 
ATOM   177 C CG  . PRO A 1 24 ? 1.799   -1.062  11.745  1.00 12.59 ? 24   PRO A CG  1 
ATOM   178 C CD  . PRO A 1 24 ? 2.881   -0.944  10.684  1.00 12.72 ? 24   PRO A CD  1 
ATOM   179 N N   . THR A 1 25 ? 0.699   -0.704  7.825   1.00 11.04 ? 25   THR A N   1 
ATOM   180 C CA  . THR A 1 25 ? 0.037   -0.299  6.569   1.00 9.19  ? 25   THR A CA  1 
ATOM   181 C C   . THR A 1 25 ? 0.202   -1.368  5.507   1.00 10.32 ? 25   THR A C   1 
ATOM   182 O O   . THR A 1 25 ? -0.704  -1.786  4.785   1.00 11.04 ? 25   THR A O   1 
ATOM   183 C CB  . THR A 1 25 ? 0.674   1.027   6.105   1.00 7.85  ? 25   THR A CB  1 
ATOM   184 O OG1 . THR A 1 25 ? 0.167   2.058   6.966   1.00 10.71 ? 25   THR A OG1 1 
ATOM   185 C CG2 . THR A 1 25 ? 0.290   1.443   4.691   1.00 11.73 ? 25   THR A CG2 1 
ATOM   186 N N   . CYS A 1 26 ? 1.458   -1.816  5.400   1.00 10.90 ? 26   CYS A N   1 
ATOM   187 C CA  . CYS A 1 26 ? 1.766   -2.851  4.408   1.00 12.16 ? 26   CYS A CA  1 
ATOM   188 C C   . CYS A 1 26 ? 0.993   -4.132  4.687   1.00 13.54 ? 26   CYS A C   1 
ATOM   189 O O   . CYS A 1 26 ? 0.546   -4.821  3.778   1.00 10.43 ? 26   CYS A O   1 
ATOM   190 C CB  . CYS A 1 26 ? 3.267   -3.092  4.377   1.00 10.14 ? 26   CYS A CB  1 
ATOM   191 S SG  . CYS A 1 26 ? 4.189   -1.651  3.769   1.00 11.77 ? 26   CYS A SG  1 
ATOM   192 N N   . ALA A 1 27 ? 0.826   -4.437  5.972   1.00 12.54 ? 27   ALA A N   1 
ATOM   193 C CA  . ALA A 1 27 ? 0.009   -5.585  6.352   1.00 15.07 ? 27   ALA A CA  1 
ATOM   194 C C   . ALA A 1 27 ? -1.441  -5.390  5.946   1.00 16.56 ? 27   ALA A C   1 
ATOM   195 O O   . ALA A 1 27 ? -2.055  -6.292  5.364   1.00 14.63 ? 27   ALA A O   1 
ATOM   196 C CB  . ALA A 1 27 ? 0.104   -5.819  7.852   1.00 15.85 ? 27   ALA A CB  1 
ATOM   197 N N   . LYS A 1 28 ? -2.022  -4.221  6.237   1.00 9.82  ? 28   LYS A N   1 
ATOM   198 C CA  . LYS A 1 28 ? -3.422  -4.027  5.894   1.00 6.22  ? 28   LYS A CA  1 
ATOM   199 C C   . LYS A 1 28 ? -3.629  -4.076  4.389   1.00 11.79 ? 28   LYS A C   1 
ATOM   200 O O   . LYS A 1 28 ? -4.647  -4.528  3.865   1.00 12.40 ? 28   LYS A O   1 
ATOM   201 C CB  . LYS A 1 28 ? -3.952  -2.693  6.445   1.00 13.00 ? 28   LYS A CB  1 
ATOM   202 C CG  . LYS A 1 28 ? -4.066  -2.711  7.969   1.00 17.11 ? 28   LYS A CG  1 
ATOM   203 C CD  . LYS A 1 28 ? -4.435  -1.360  8.547   1.00 20.79 ? 28   LYS A CD  1 
ATOM   204 C CE  . LYS A 1 28 ? -4.322  -1.353  10.066  1.00 26.17 ? 28   LYS A CE  1 
ATOM   205 N NZ  . LYS A 1 28 ? -3.291  -0.384  10.528  1.00 48.80 ? 28   LYS A NZ  1 
ATOM   206 N N   . LEU A 1 29 ? -2.640  -3.570  3.669   1.00 7.05  ? 29   LEU A N   1 
ATOM   207 C CA  . LEU A 1 29 ? -2.799  -3.459  2.228   1.00 7.65  ? 29   LEU A CA  1 
ATOM   208 C C   . LEU A 1 29 ? -2.652  -4.822  1.574   1.00 10.60 ? 29   LEU A C   1 
ATOM   209 O O   . LEU A 1 29 ? -3.240  -5.049  0.519   1.00 12.98 ? 29   LEU A O   1 
ATOM   210 C CB  . LEU A 1 29 ? -1.736  -2.503  1.702   1.00 9.13  ? 29   LEU A CB  1 
ATOM   211 C CG  . LEU A 1 29 ? -1.869  -2.023  0.262   1.00 21.75 ? 29   LEU A CG  1 
ATOM   212 C CD1 . LEU A 1 29 ? -3.179  -1.296  0.020   1.00 14.70 ? 29   LEU A CD1 1 
ATOM   213 C CD2 . LEU A 1 29 ? -0.686  -1.123  -0.082  1.00 30.40 ? 29   LEU A CD2 1 
ATOM   214 N N   . SER A 1 30 ? -1.886  -5.708  2.187   1.00 11.30 ? 30   SER A N   1 
ATOM   215 C CA  . SER A 1 30 ? -1.536  -7.000  1.617   1.00 9.81  ? 30   SER A CA  1 
ATOM   216 C C   . SER A 1 30 ? -2.369  -8.148  2.163   1.00 12.46 ? 30   SER A C   1 
ATOM   217 O O   . SER A 1 30 ? -2.411  -9.253  1.611   1.00 12.93 ? 30   SER A O   1 
ATOM   218 C CB  . SER A 1 30 ? -0.051  -7.265  1.923   1.00 12.19 ? 30   SER A CB  1 
ATOM   219 O OG  . SER A 1 30 ? 0.131   -7.388  3.346   1.00 9.39  ? 30   SER A OG  1 
ATOM   220 N N   . GLY A 1 31 ? -3.018  -7.949  3.310   1.00 12.41 ? 31   GLY A N   1 
ATOM   221 C CA  . GLY A 1 31 ? -3.637  -9.080  3.998   1.00 16.80 ? 31   GLY A CA  1 
ATOM   222 C C   . GLY A 1 31 ? -2.657  -9.858  4.850   1.00 16.09 ? 31   GLY A C   1 
ATOM   223 O O   . GLY A 1 31 ? -2.976  -10.915 5.398   1.00 17.09 ? 31   GLY A O   1 
ATOM   224 N N   . CYS A 1 32 ? -1.435  -9.369  5.015   1.00 12.75 ? 32   CYS A N   1 
ATOM   225 C CA  . CYS A 1 32 ? -0.459  -10.053 5.854   1.00 9.51  ? 32   CYS A CA  1 
ATOM   226 C C   . CYS A 1 32 ? -0.615  -9.588  7.304   1.00 9.65  ? 32   CYS A C   1 
ATOM   227 O O   . CYS A 1 32 ? -1.363  -8.666  7.589   1.00 12.65 ? 32   CYS A O   1 
ATOM   228 C CB  . CYS A 1 32 ? 0.974   -9.811  5.384   1.00 10.35 ? 32   CYS A CB  1 
ATOM   229 S SG  . CYS A 1 32 ? 1.269   -10.272 3.658   1.00 13.30 ? 32   CYS A SG  1 
ATOM   230 N N   . LYS A 1 33 ? 0.078   -10.252 8.222   1.00 11.59 ? 33   LYS A N   1 
ATOM   231 C CA  . LYS A 1 33 ? 0.038   -9.808  9.616   1.00 14.79 ? 33   LYS A CA  1 
ATOM   232 C C   . LYS A 1 33 ? 1.442   -9.911  10.198  1.00 13.00 ? 33   LYS A C   1 
ATOM   233 O O   . LYS A 1 33 ? 2.320   -10.626 9.714   1.00 11.30 ? 33   LYS A O   1 
ATOM   234 C CB  . LYS A 1 33 ? -0.983  -10.594 10.431  1.00 19.22 ? 33   LYS A CB  1 
ATOM   235 C CG  . LYS A 1 33 ? -0.408  -11.807 11.133  1.00 28.78 ? 33   LYS A CG  1 
ATOM   236 C CD  . LYS A 1 33 ? -1.411  -12.937 11.255  1.00 39.93 ? 33   LYS A CD  1 
ATOM   237 C CE  . LYS A 1 33 ? -2.088  -12.992 12.609  1.00 48.44 ? 33   LYS A CE  1 
ATOM   238 N NZ  . LYS A 1 33 ? -3.177  -14.016 12.642  1.00 38.50 ? 33   LYS A NZ  1 
ATOM   239 N N   . ILE A 1 34 ? 1.666   -9.125  11.251  1.00 10.03 ? 34   ILE A N   1 
ATOM   240 C CA  . ILE A 1 34 ? 2.954   -9.105  11.921  1.00 14.66 ? 34   ILE A CA  1 
ATOM   241 C C   . ILE A 1 34 ? 2.826   -9.861  13.253  1.00 12.18 ? 34   ILE A C   1 
ATOM   242 O O   . ILE A 1 34 ? 1.850   -9.661  13.976  1.00 12.78 ? 34   ILE A O   1 
ATOM   243 C CB  . ILE A 1 34 ? 3.449   -7.676  12.186  1.00 18.15 ? 34   ILE A CB  1 
ATOM   244 C CG1 . ILE A 1 34 ? 3.359   -6.791  10.936  1.00 14.31 ? 34   ILE A CG1 1 
ATOM   245 C CG2 . ILE A 1 34 ? 4.851   -7.671  12.778  1.00 12.81 ? 34   ILE A CG2 1 
ATOM   246 C CD1 . ILE A 1 34 ? 4.153   -7.372  9.779   1.00 18.05 ? 34   ILE A CD1 1 
ATOM   247 N N   . ILE A 1 35 ? 3.806   -10.706 13.513  1.00 10.99 ? 35   ILE A N   1 
ATOM   248 C CA  . ILE A 1 35 ? 3.812   -11.470 14.763  1.00 15.69 ? 35   ILE A CA  1 
ATOM   249 C C   . ILE A 1 35 ? 5.140   -11.178 15.460  1.00 19.12 ? 35   ILE A C   1 
ATOM   250 O O   . ILE A 1 35 ? 6.086   -10.723 14.808  1.00 16.69 ? 35   ILE A O   1 
ATOM   251 C CB  . ILE A 1 35 ? 3.655   -12.973 14.514  1.00 19.60 ? 35   ILE A CB  1 
ATOM   252 C CG1 . ILE A 1 35 ? 4.843   -13.560 13.752  1.00 15.36 ? 35   ILE A CG1 1 
ATOM   253 C CG2 . ILE A 1 35 ? 2.356   -13.324 13.783  1.00 14.93 ? 35   ILE A CG2 1 
ATOM   254 C CD1 . ILE A 1 35 ? 4.926   -15.067 13.803  1.00 16.71 ? 35   ILE A CD1 1 
ATOM   255 N N   . SER A 1 36 ? 5.189   -11.441 16.759  1.00 18.94 ? 36   SER A N   1 
ATOM   256 C CA  . SER A 1 36 ? 6.410   -11.262 17.534  1.00 18.71 ? 36   SER A CA  1 
ATOM   257 C C   . SER A 1 36 ? 7.127   -12.585 17.724  1.00 18.94 ? 36   SER A C   1 
ATOM   258 O O   . SER A 1 36 ? 8.284   -12.661 18.128  1.00 17.57 ? 36   SER A O   1 
ATOM   259 C CB  . SER A 1 36 ? 6.043   -10.664 18.895  1.00 25.07 ? 36   SER A CB  1 
ATOM   260 O OG  . SER A 1 36 ? 5.142   -11.549 19.551  1.00 26.85 ? 36   SER A OG  1 
ATOM   261 N N   . GLY A 1 37 ? 6.428   -13.687 17.422  1.00 16.73 ? 37   GLY A N   1 
ATOM   262 C CA  . GLY A 1 37 ? 7.096   -14.962 17.551  1.00 13.92 ? 37   GLY A CA  1 
ATOM   263 C C   . GLY A 1 37 ? 7.903   -15.359 16.337  1.00 20.98 ? 37   GLY A C   1 
ATOM   264 O O   . GLY A 1 37 ? 8.110   -14.577 15.404  1.00 21.89 ? 37   GLY A O   1 
ATOM   265 N N   . SER A 1 38 ? 8.363   -16.614 16.308  1.00 17.65 ? 38   SER A N   1 
ATOM   266 C CA  . SER A 1 38 ? 9.131   -17.092 15.158  1.00 18.21 ? 38   SER A CA  1 
ATOM   267 C C   . SER A 1 38 ? 8.342   -17.951 14.191  1.00 18.51 ? 38   SER A C   1 
ATOM   268 O O   . SER A 1 38 ? 8.721   -18.092 13.029  1.00 20.01 ? 38   SER A O   1 
ATOM   269 C CB  . SER A 1 38 ? 10.361  -17.821 15.720  1.00 25.43 ? 38   SER A CB  1 
ATOM   270 O OG  . SER A 1 38 ? 10.990  -16.886 16.605  1.00 53.18 ? 38   SER A OG  1 
ATOM   271 N N   . THR A 1 39 ? 7.218   -18.543 14.573  1.00 19.10 ? 39   THR A N   1 
ATOM   272 C CA  . THR A 1 39 ? 6.465   -19.391 13.656  1.00 14.90 ? 39   THR A CA  1 
ATOM   273 C C   . THR A 1 39 ? 5.196   -18.731 13.137  1.00 12.09 ? 39   THR A C   1 
ATOM   274 O O   . THR A 1 39 ? 4.296   -18.382 13.904  1.00 12.09 ? 39   THR A O   1 
ATOM   275 C CB  . THR A 1 39 ? 6.035   -20.688 14.372  1.00 22.85 ? 39   THR A CB  1 
ATOM   276 O OG1 . THR A 1 39 ? 7.196   -21.232 14.993  1.00 21.00 ? 39   THR A OG1 1 
ATOM   277 C CG2 . THR A 1 39 ? 5.494   -21.716 13.390  1.00 14.62 ? 39   THR A CG2 1 
ATOM   278 N N   . CYS A 1 40 ? 5.108   -18.558 11.813  1.00 10.28 ? 40   CYS A N   1 
ATOM   279 C CA  . CYS A 1 40 ? 3.859   -18.039 11.264  1.00 10.67 ? 40   CYS A CA  1 
ATOM   280 C C   . CYS A 1 40 ? 2.749   -19.075 11.462  1.00 9.02  ? 40   CYS A C   1 
ATOM   281 O O   . CYS A 1 40 ? 3.066   -20.266 11.397  1.00 13.26 ? 40   CYS A O   1 
ATOM   282 C CB  . CYS A 1 40 ? 4.001   -17.712 9.770   1.00 10.82 ? 40   CYS A CB  1 
ATOM   283 S SG  . CYS A 1 40 ? 5.041   -16.245 9.489   1.00 15.48 ? 40   CYS A SG  1 
ATOM   284 N N   . PRO A 1 41 ? 1.553   -18.598 11.717  1.00 11.01 ? 41   PRO A N   1 
ATOM   285 C CA  . PRO A 1 41 ? 0.364   -19.460 11.809  1.00 10.96 ? 41   PRO A CA  1 
ATOM   286 C C   . PRO A 1 41 ? 0.097   -20.139 10.462  1.00 17.19 ? 41   PRO A C   1 
ATOM   287 O O   . PRO A 1 41 ? 0.505   -19.635 9.419   1.00 12.19 ? 41   PRO A O   1 
ATOM   288 C CB  . PRO A 1 41 ? -0.777  -18.527 12.179  1.00 14.62 ? 41   PRO A CB  1 
ATOM   289 C CG  . PRO A 1 41 ? -0.238  -17.150 12.224  1.00 18.77 ? 41   PRO A CG  1 
ATOM   290 C CD  . PRO A 1 41 ? 1.238   -17.183 11.991  1.00 16.37 ? 41   PRO A CD  1 
ATOM   291 N N   . SER A 1 42 ? -0.576  -21.288 10.511  1.00 13.63 ? 42   SER A N   1 
ATOM   292 C CA  . SER A 1 42 ? -0.749  -22.106 9.317   1.00 16.03 ? 42   SER A CA  1 
ATOM   293 C C   . SER A 1 42 ? -1.640  -21.445 8.271   1.00 11.11 ? 42   SER A C   1 
ATOM   294 O O   . SER A 1 42 ? -1.559  -21.885 7.129   1.00 15.81 ? 42   SER A O   1 
ATOM   295 C CB  . SER A 1 42 ? -1.356  -23.477 9.673   1.00 11.51 ? 42   SER A CB  1 
ATOM   296 O OG  . SER A 1 42 ? -2.552  -23.229 10.405  1.00 12.71 ? 42   SER A OG  1 
ATOM   297 N N   . ASP A 1 43 ? -2.441  -20.472 8.659   1.00 10.25 ? 43   ASP A N   1 
ATOM   298 C CA  . ASP A 1 43 ? -3.309  -19.769 7.723   1.00 11.50 ? 43   ASP A CA  1 
ATOM   299 C C   . ASP A 1 43 ? -2.614  -18.535 7.148   1.00 18.65 ? 43   ASP A C   1 
ATOM   300 O O   . ASP A 1 43 ? -3.166  -17.827 6.309   1.00 17.62 ? 43   ASP A O   1 
ATOM   301 C CB  . ASP A 1 43 ? -4.645  -19.374 8.351   1.00 13.12 ? 43   ASP A CB  1 
ATOM   302 C CG  . ASP A 1 43 ? -4.604  -18.663 9.675   1.00 18.77 ? 43   ASP A CG  1 
ATOM   303 O OD1 . ASP A 1 43 ? -3.524  -18.524 10.292  1.00 16.86 ? 43   ASP A OD1 1 
ATOM   304 O OD2 . ASP A 1 43 ? -5.696  -18.227 10.113  1.00 24.39 ? 43   ASP A OD2 1 
ATOM   305 N N   . TYR A 1 44 ? -1.394  -18.295 7.611   1.00 15.67 ? 44   TYR A N   1 
ATOM   306 C CA  . TYR A 1 44 ? -0.577  -17.226 7.054   1.00 16.83 ? 44   TYR A CA  1 
ATOM   307 C C   . TYR A 1 44 ? 0.837   -17.733 6.798   1.00 13.41 ? 44   TYR A C   1 
ATOM   308 O O   . TYR A 1 44 ? 1.810   -17.255 7.370   1.00 13.75 ? 44   TYR A O   1 
ATOM   309 C CB  . TYR A 1 44 ? -0.519  -16.048 8.007   1.00 15.85 ? 44   TYR A CB  1 
ATOM   310 C CG  . TYR A 1 44 ? -1.788  -15.265 8.181   1.00 11.44 ? 44   TYR A CG  1 
ATOM   311 C CD1 . TYR A 1 44 ? -2.844  -15.767 8.929   1.00 14.46 ? 44   TYR A CD1 1 
ATOM   312 C CD2 . TYR A 1 44 ? -1.899  -14.005 7.586   1.00 13.67 ? 44   TYR A CD2 1 
ATOM   313 C CE1 . TYR A 1 44 ? -4.012  -15.036 9.084   1.00 13.50 ? 44   TYR A CE1 1 
ATOM   314 C CE2 . TYR A 1 44 ? -3.070  -13.269 7.745   1.00 19.96 ? 44   TYR A CE2 1 
ATOM   315 C CZ  . TYR A 1 44 ? -4.108  -13.787 8.487   1.00 21.69 ? 44   TYR A CZ  1 
ATOM   316 O OH  . TYR A 1 44 ? -5.263  -13.045 8.639   1.00 29.73 ? 44   TYR A OH  1 
ATOM   317 N N   . PRO A 1 45 ? 0.917   -18.715 5.908   1.00 13.85 ? 45   PRO A N   1 
ATOM   318 C CA  . PRO A 1 45 ? 2.146   -19.445 5.703   1.00 14.18 ? 45   PRO A CA  1 
ATOM   319 C C   . PRO A 1 45 ? 3.139   -18.851 4.720   1.00 26.47 ? 45   PRO A C   1 
ATOM   320 O O   . PRO A 1 45 ? 4.187   -19.489 4.556   1.00 32.11 ? 45   PRO A O   1 
ATOM   321 C CB  . PRO A 1 45 ? 1.612   -20.748 5.071   1.00 18.08 ? 45   PRO A CB  1 
ATOM   322 C CG  . PRO A 1 45 ? 0.426   -20.317 4.279   1.00 17.51 ? 45   PRO A CG  1 
ATOM   323 C CD  . PRO A 1 45 ? -0.180  -19.186 5.029   1.00 16.00 ? 45   PRO A CD  1 
ATOM   324 N N   . LYS A 1 46 ? 2.867   -17.721 4.069   1.00 20.49 ? 46   LYS A N   1 
ATOM   325 C CA  . LYS A 1 46 ? 3.773   -17.267 3.008   1.00 13.02 ? 46   LYS A CA  1 
ATOM   326 C C   . LYS A 1 46 ? 4.515   -15.988 3.372   1.00 22.03 ? 46   LYS A C   1 
ATOM   327 O O   . LYS A 1 46 ? 4.231   -15.415 4.447   1.00 14.11 ? 46   LYS A O   1 
ATOM   328 C CB  . LYS A 1 46 ? 3.005   -17.009 1.712   1.00 22.09 ? 46   LYS A CB  1 
ATOM   329 C CG  . LYS A 1 46 ? 2.124   -18.135 1.206   1.00 32.33 ? 46   LYS A CG  1 
ATOM   330 C CD  . LYS A 1 46 ? 2.878   -19.436 1.007   1.00 38.48 ? 46   LYS A CD  1 
ATOM   331 C CE  . LYS A 1 46 ? 4.072   -19.305 0.081   1.00 47.99 ? 46   LYS A CE  1 
ATOM   332 N NZ  . LYS A 1 46 ? 4.421   -20.598 -0.579  1.00 62.50 ? 46   LYS A NZ  1 
ATOM   333 O OXT . LYS A 1 46 ? 5.363   -15.591 2.538   1.00 17.91 ? 46   LYS A OXT 1 
ATOM   334 N N   . LYS B 1 1  ? -4.910  17.599  -2.839  1.00 21.50 ? 1    LYS B N   1 
ATOM   335 C CA  . LYS B 1 1  ? -5.630  16.724  -3.749  1.00 12.53 ? 1    LYS B CA  1 
ATOM   336 C C   . LYS B 1 1  ? -4.722  15.617  -4.265  1.00 12.62 ? 1    LYS B C   1 
ATOM   337 O O   . LYS B 1 1  ? -3.538  15.813  -4.514  1.00 15.70 ? 1    LYS B O   1 
ATOM   338 C CB  . LYS B 1 1  ? -6.182  17.552  -4.907  1.00 19.22 ? 1    LYS B CB  1 
ATOM   339 C CG  . LYS B 1 1  ? -6.705  16.699  -6.050  1.00 22.58 ? 1    LYS B CG  1 
ATOM   340 C CD  . LYS B 1 1  ? -7.632  17.491  -6.957  1.00 27.18 ? 1    LYS B CD  1 
ATOM   341 C CE  . LYS B 1 1  ? -8.948  16.759  -7.162  1.00 31.63 ? 1    LYS B CE  1 
ATOM   342 N NZ  . LYS B 1 1  ? -9.615  17.144  -8.435  1.00 31.91 ? 1    LYS B NZ  1 
ATOM   343 N N   . SER B 1 2  ? -5.282  14.418  -4.424  1.00 14.26 ? 2    SER B N   1 
ATOM   344 C CA  . SER B 1 2  ? -4.479  13.329  -4.976  1.00 13.98 ? 2    SER B CA  1 
ATOM   345 C C   . SER B 1 2  ? -4.717  13.252  -6.489  1.00 14.11 ? 2    SER B C   1 
ATOM   346 O O   . SER B 1 2  ? -5.853  13.435  -6.916  1.00 12.10 ? 2    SER B O   1 
ATOM   347 C CB  . SER B 1 2  ? -4.814  12.008  -4.282  1.00 13.91 ? 2    SER B CB  1 
ATOM   348 O OG  . SER B 1 2  ? -6.148  11.618  -4.571  1.00 17.09 ? 2    SER B OG  1 
ATOM   349 N N   . CYS B 1 3  ? -3.651  12.978  -7.223  1.00 14.51 ? 3    CYS B N   1 
ATOM   350 C CA  . CYS B 1 3  ? -3.568  12.939  -8.671  1.00 20.24 ? 3    CYS B CA  1 
ATOM   351 C C   . CYS B 1 3  ? -2.793  11.703  -9.122  1.00 14.02 ? 3    CYS B C   1 
ATOM   352 O O   . CYS B 1 3  ? -1.629  11.549  -8.748  1.00 11.98 ? 3    CYS B O   1 
ATOM   353 C CB  . CYS B 1 3  ? -2.840  14.187  -9.194  1.00 17.97 ? 3    CYS B CB  1 
ATOM   354 S SG  . CYS B 1 3  ? -3.598  15.728  -8.598  1.00 15.33 ? 3    CYS B SG  1 
ATOM   355 N N   . CYS B 1 4  ? -3.426  10.854  -9.911  1.00 12.54 ? 4    CYS B N   1 
ATOM   356 C CA  . CYS B 1 4  ? -2.820  9.576   -10.293 1.00 10.81 ? 4    CYS B CA  1 
ATOM   357 C C   . CYS B 1 4  ? -2.597  9.490   -11.802 1.00 14.36 ? 4    CYS B C   1 
ATOM   358 O O   . CYS B 1 4  ? -3.366  10.075  -12.586 1.00 15.66 ? 4    CYS B O   1 
ATOM   359 C CB  . CYS B 1 4  ? -3.742  8.444   -9.820  1.00 15.32 ? 4    CYS B CB  1 
ATOM   360 S SG  . CYS B 1 4  ? -3.916  8.400   -8.003  1.00 13.17 ? 4    CYS B SG  1 
ATOM   361 N N   . PRO B 1 5  ? -1.544  8.788   -12.204 1.00 11.85 ? 5    PRO B N   1 
ATOM   362 C CA  . PRO B 1 5  ? -1.221  8.697   -13.645 1.00 8.63  ? 5    PRO B CA  1 
ATOM   363 C C   . PRO B 1 5  ? -2.059  7.682   -14.388 1.00 16.69 ? 5    PRO B C   1 
ATOM   364 O O   . PRO B 1 5  ? -2.107  7.675   -15.621 1.00 23.03 ? 5    PRO B O   1 
ATOM   365 C CB  . PRO B 1 5  ? 0.253   8.303   -13.614 1.00 10.17 ? 5    PRO B CB  1 
ATOM   366 C CG  . PRO B 1 5  ? 0.406   7.503   -12.354 1.00 12.22 ? 5    PRO B CG  1 
ATOM   367 C CD  . PRO B 1 5  ? -0.559  8.093   -11.369 1.00 11.41 ? 5    PRO B CD  1 
ATOM   368 N N   . ASN B 1 6  ? -2.778  6.806   -13.689 1.00 11.78 ? 6    ASN B N   1 
ATOM   369 C CA  . ASN B 1 6  ? -3.535  5.773   -14.389 1.00 8.71  ? 6    ASN B CA  1 
ATOM   370 C C   . ASN B 1 6  ? -4.493  5.133   -13.394 1.00 14.25 ? 6    ASN B C   1 
ATOM   371 O O   . ASN B 1 6  ? -4.453  5.445   -12.200 1.00 12.59 ? 6    ASN B O   1 
ATOM   372 C CB  . ASN B 1 6  ? -2.593  4.742   -14.998 1.00 9.67  ? 6    ASN B CB  1 
ATOM   373 C CG  . ASN B 1 6  ? -1.577  4.179   -14.027 1.00 18.26 ? 6    ASN B CG  1 
ATOM   374 O OD1 . ASN B 1 6  ? -1.760  4.104   -12.805 1.00 13.90 ? 6    ASN B OD1 1 
ATOM   375 N ND2 . ASN B 1 6  ? -0.435  3.739   -14.543 1.00 13.39 ? 6    ASN B ND2 1 
ATOM   376 N N   . THR B 1 7  ? -5.354  4.254   -13.868 1.00 14.57 ? 7    THR B N   1 
ATOM   377 C CA  . THR B 1 7  ? -6.327  3.580   -13.012 1.00 11.53 ? 7    THR B CA  1 
ATOM   378 C C   . THR B 1 7  ? -5.694  2.696   -11.950 1.00 12.75 ? 7    THR B C   1 
ATOM   379 O O   . THR B 1 7  ? -6.177  2.612   -10.825 1.00 12.53 ? 7    THR B O   1 
ATOM   380 C CB  . THR B 1 7  ? -7.235  2.741   -13.940 1.00 16.15 ? 7    THR B CB  1 
ATOM   381 O OG1 . THR B 1 7  ? -7.873  3.696   -14.799 1.00 20.25 ? 7    THR B OG1 1 
ATOM   382 C CG2 . THR B 1 7  ? -8.309  1.983   -13.183 1.00 19.52 ? 7    THR B CG2 1 
ATOM   383 N N   . THR B 1 8  ? -4.612  2.010   -12.275 1.00 12.37 ? 8    THR B N   1 
ATOM   384 C CA  . THR B 1 8  ? -3.884  1.188   -11.327 1.00 10.43 ? 8    THR B CA  1 
ATOM   385 C C   . THR B 1 8  ? -3.494  2.025   -10.114 1.00 15.46 ? 8    THR B C   1 
ATOM   386 O O   . THR B 1 8  ? -3.652  1.622   -8.972  1.00 11.10 ? 8    THR B O   1 
ATOM   387 C CB  . THR B 1 8  ? -2.588  0.642   -11.957 1.00 16.63 ? 8    THR B CB  1 
ATOM   388 O OG1 . THR B 1 8  ? -2.916  -0.130  -13.110 1.00 18.98 ? 8    THR B OG1 1 
ATOM   389 C CG2 . THR B 1 8  ? -1.843  -0.262  -10.978 1.00 13.08 ? 8    THR B CG2 1 
ATOM   390 N N   . GLY B 1 9  ? -2.949  3.207   -10.415 1.00 12.63 ? 9    GLY B N   1 
ATOM   391 C CA  . GLY B 1 9  ? -2.514  4.098   -9.356  1.00 9.51  ? 9    GLY B CA  1 
ATOM   392 C C   . GLY B 1 9  ? -3.685  4.523   -8.488  1.00 14.39 ? 9    GLY B C   1 
ATOM   393 O O   . GLY B 1 9  ? -3.551  4.524   -7.260  1.00 11.98 ? 9    GLY B O   1 
ATOM   394 N N   . ARG B 1 10 ? -4.809  4.897   -9.094  1.00 12.01 ? 10   ARG B N   1 
ATOM   395 C CA  . ARG B 1 10 ? -5.965  5.364   -8.320  1.00 11.88 ? 10   ARG B CA  1 
ATOM   396 C C   . ARG B 1 10 ? -6.481  4.240   -7.423  1.00 10.62 ? 10   ARG B C   1 
ATOM   397 O O   . ARG B 1 10 ? -6.865  4.404   -6.268  1.00 14.15 ? 10   ARG B O   1 
ATOM   398 C CB  . ARG B 1 10 ? -7.050  5.874   -9.276  1.00 9.75  ? 10   ARG B CB  1 
ATOM   399 C CG  . ARG B 1 10 ? -8.365  6.287   -8.656  1.00 9.90  ? 10   ARG B CG  1 
ATOM   400 C CD  . ARG B 1 10 ? -8.167  7.267   -7.503  1.00 11.68 ? 10   ARG B CD  1 
ATOM   401 N NE  . ARG B 1 10 ? -7.598  8.553   -7.928  1.00 12.27 ? 10   ARG B NE  1 
ATOM   402 C CZ  . ARG B 1 10 ? -7.245  9.509   -7.071  1.00 19.61 ? 10   ARG B CZ  1 
ATOM   403 N NH1 . ARG B 1 10 ? -7.414  9.298   -5.771  1.00 15.90 ? 10   ARG B NH1 1 
ATOM   404 N NH2 . ARG B 1 10 ? -6.728  10.658  -7.504  1.00 15.05 ? 10   ARG B NH2 1 
ATOM   405 N N   . ASN B 1 11 ? -6.510  3.036   -7.997  1.00 8.92  ? 11   ASN B N   1 
ATOM   406 C CA  . ASN B 1 11 ? -6.996  1.865   -7.264  1.00 11.16 ? 11   ASN B CA  1 
ATOM   407 C C   . ASN B 1 11 ? -6.173  1.611   -6.011  1.00 10.87 ? 11   ASN B C   1 
ATOM   408 O O   . ASN B 1 11 ? -6.712  1.393   -4.920  1.00 12.29 ? 11   ASN B O   1 
ATOM   409 C CB  . ASN B 1 11 ? -6.967  0.638   -8.181  1.00 11.89 ? 11   ASN B CB  1 
ATOM   410 C CG  . ASN B 1 11 ? -8.182  0.554   -9.094  1.00 11.05 ? 11   ASN B CG  1 
ATOM   411 O OD1 . ASN B 1 11 ? -9.111  1.348   -9.051  1.00 13.73 ? 11   ASN B OD1 1 
ATOM   412 N ND2 . ASN B 1 11 ? -8.171  -0.450  -9.972  1.00 15.24 ? 11   ASN B ND2 1 
ATOM   413 N N   . ILE B 1 12 ? -4.846  1.640   -6.161  1.00 7.42  ? 12   ILE B N   1 
ATOM   414 C CA  . ILE B 1 12 ? -3.982  1.340   -5.008  1.00 7.79  ? 12   ILE B CA  1 
ATOM   415 C C   . ILE B 1 12 ? -4.047  2.451   -3.982  1.00 10.21 ? 12   ILE B C   1 
ATOM   416 O O   . ILE B 1 12 ? -4.081  2.205   -2.776  1.00 9.87  ? 12   ILE B O   1 
ATOM   417 C CB  . ILE B 1 12 ? -2.554  1.128   -5.509  1.00 11.73 ? 12   ILE B CB  1 
ATOM   418 C CG1 . ILE B 1 12 ? -2.472  -0.093  -6.446  1.00 13.13 ? 12   ILE B CG1 1 
ATOM   419 C CG2 . ILE B 1 12 ? -1.570  1.063   -4.347  1.00 11.76 ? 12   ILE B CG2 1 
ATOM   420 C CD1 . ILE B 1 12 ? -1.168  -0.190  -7.207  1.00 19.90 ? 12   ILE B CD1 1 
ATOM   421 N N   . TYR B 1 13 ? -4.083  3.687   -4.502  1.00 10.01 ? 13   TYR B N   1 
ATOM   422 C CA  . TYR B 1 13 ? -4.187  4.884   -3.689  1.00 12.11 ? 13   TYR B CA  1 
ATOM   423 C C   . TYR B 1 13 ? -5.446  4.770   -2.820  1.00 16.09 ? 13   TYR B C   1 
ATOM   424 O O   . TYR B 1 13 ? -5.395  5.012   -1.614  1.00 13.70 ? 13   TYR B O   1 
ATOM   425 C CB  . TYR B 1 13 ? -4.282  6.180   -4.513  1.00 11.73 ? 13   TYR B CB  1 
ATOM   426 C CG  . TYR B 1 13 ? -4.349  7.391   -3.599  1.00 9.63  ? 13   TYR B CG  1 
ATOM   427 C CD1 . TYR B 1 13 ? -5.528  8.023   -3.261  1.00 13.22 ? 13   TYR B CD1 1 
ATOM   428 C CD2 . TYR B 1 13 ? -3.141  7.863   -3.089  1.00 9.93  ? 13   TYR B CD2 1 
ATOM   429 C CE1 . TYR B 1 13 ? -5.525  9.125   -2.419  1.00 15.14 ? 13   TYR B CE1 1 
ATOM   430 C CE2 . TYR B 1 13 ? -3.134  8.960   -2.242  1.00 14.63 ? 13   TYR B CE2 1 
ATOM   431 C CZ  . TYR B 1 13 ? -4.327  9.584   -1.913  1.00 14.66 ? 13   TYR B CZ  1 
ATOM   432 O OH  . TYR B 1 13 ? -4.318  10.682  -1.069  1.00 11.47 ? 13   TYR B OH  1 
ATOM   433 N N   . ASN B 1 14 ? -6.554  4.430   -3.474  1.00 9.38  ? 14   ASN B N   1 
ATOM   434 C CA  . ASN B 1 14 ? -7.818  4.357   -2.757  1.00 10.23 ? 14   ASN B CA  1 
ATOM   435 C C   . ASN B 1 14 ? -7.790  3.243   -1.724  1.00 13.05 ? 14   ASN B C   1 
ATOM   436 O O   . ASN B 1 14 ? -8.252  3.436   -0.592  1.00 14.82 ? 14   ASN B O   1 
ATOM   437 C CB  . ASN B 1 14 ? -8.990  4.162   -3.727  1.00 11.15 ? 14   ASN B CB  1 
ATOM   438 C CG  . ASN B 1 14 ? -9.314  5.485   -4.411  1.00 8.86  ? 14   ASN B CG  1 
ATOM   439 O OD1 . ASN B 1 14 ? -8.697  6.530   -4.138  1.00 14.27 ? 14   ASN B OD1 1 
ATOM   440 N ND2 . ASN B 1 14 ? -10.263 5.460   -5.325  1.00 13.24 ? 14   ASN B ND2 1 
ATOM   441 N N   . ALA B 1 15 ? -7.260  2.080   -2.086  1.00 10.11 ? 15   ALA B N   1 
ATOM   442 C CA  . ALA B 1 15 ? -7.215  0.990   -1.086  1.00 11.02 ? 15   ALA B CA  1 
ATOM   443 C C   . ALA B 1 15 ? -6.351  1.378   0.116   1.00 13.60 ? 15   ALA B C   1 
ATOM   444 O O   . ALA B 1 15 ? -6.664  1.196   1.291   1.00 14.09 ? 15   ALA B O   1 
ATOM   445 C CB  . ALA B 1 15 ? -6.716  -0.284  -1.752  1.00 10.37 ? 15   ALA B CB  1 
ATOM   446 N N   . CYS B 1 16 ? -5.201  1.973   -0.162  1.00 9.58  ? 16   CYS B N   1 
ATOM   447 C CA  . CYS B 1 16 ? -4.304  2.459   0.881   1.00 6.67  ? 16   CYS B CA  1 
ATOM   448 C C   . CYS B 1 16 ? -4.954  3.476   1.791   1.00 13.50 ? 16   CYS B C   1 
ATOM   449 O O   . CYS B 1 16 ? -4.800  3.455   3.021   1.00 11.59 ? 16   CYS B O   1 
ATOM   450 C CB  . CYS B 1 16 ? -3.058  3.016   0.175   1.00 8.95  ? 16   CYS B CB  1 
ATOM   451 S SG  . CYS B 1 16 ? -1.832  3.694   1.319   1.00 12.15 ? 16   CYS B SG  1 
ATOM   452 N N   . ARG B 1 17 ? -5.730  4.428   1.257   1.00 10.04 ? 17   ARG B N   1 
ATOM   453 C CA  . ARG B 1 17 ? -6.312  5.419   2.161   1.00 9.71  ? 17   ARG B CA  1 
ATOM   454 C C   . ARG B 1 17 ? -7.382  4.758   3.029   1.00 17.20 ? 17   ARG B C   1 
ATOM   455 O O   . ARG B 1 17 ? -7.624  5.208   4.156   1.00 11.94 ? 17   ARG B O   1 
ATOM   456 C CB  . ARG B 1 17 ? -6.934  6.597   1.410   1.00 10.35 ? 17   ARG B CB  1 
ATOM   457 C CG  . ARG B 1 17 ? -5.910  7.475   0.697   1.00 12.28 ? 17   ARG B CG  1 
ATOM   458 C CD  . ARG B 1 17 ? -5.215  8.388   1.710   1.00 15.30 ? 17   ARG B CD  1 
ATOM   459 N NE  . ARG B 1 17 ? -6.213  9.280   2.307   1.00 14.35 ? 17   ARG B NE  1 
ATOM   460 C CZ  . ARG B 1 17 ? -6.111  9.880   3.480   1.00 26.47 ? 17   ARG B CZ  1 
ATOM   461 N NH1 . ARG B 1 17 ? -5.053  9.730   4.260   1.00 23.06 ? 17   ARG B NH1 1 
ATOM   462 N NH2 . ARG B 1 17 ? -7.104  10.663  3.888   1.00 29.91 ? 17   ARG B NH2 1 
ATOM   463 N N   . LEU B 1 18 ? -8.019  3.710   2.493   1.00 13.58 ? 18   LEU B N   1 
ATOM   464 C CA  . LEU B 1 18 ? -9.053  3.036   3.298   1.00 14.46 ? 18   LEU B CA  1 
ATOM   465 C C   . LEU B 1 18 ? -8.452  2.216   4.434   1.00 14.05 ? 18   LEU B C   1 
ATOM   466 O O   . LEU B 1 18 ? -9.176  1.849   5.365   1.00 19.78 ? 18   LEU B O   1 
ATOM   467 C CB  . LEU B 1 18 ? -9.904  2.151   2.402   1.00 15.79 ? 18   LEU B CB  1 
ATOM   468 C CG  . LEU B 1 18 ? -11.092 2.822   1.713   1.00 25.25 ? 18   LEU B CG  1 
ATOM   469 C CD1 . LEU B 1 18 ? -11.818 1.788   0.863   1.00 28.24 ? 18   LEU B CD1 1 
ATOM   470 C CD2 . LEU B 1 18 ? -12.037 3.488   2.713   1.00 13.36 ? 18   LEU B CD2 1 
ATOM   471 N N   . THR B 1 19 ? -7.152  1.922   4.404   1.00 12.60 ? 19   THR B N   1 
ATOM   472 C CA  . THR B 1 19 ? -6.487  1.354   5.570   1.00 11.11 ? 19   THR B CA  1 
ATOM   473 C C   . THR B 1 19 ? -6.180  2.415   6.627   1.00 12.24 ? 19   THR B C   1 
ATOM   474 O O   . THR B 1 19 ? -5.763  2.038   7.726   1.00 14.94 ? 19   THR B O   1 
ATOM   475 C CB  . THR B 1 19 ? -5.143  0.701   5.221   1.00 12.06 ? 19   THR B CB  1 
ATOM   476 O OG1 . THR B 1 19 ? -4.185  1.742   4.965   1.00 9.86  ? 19   THR B OG1 1 
ATOM   477 C CG2 . THR B 1 19 ? -5.297  -0.167  3.978   1.00 11.53 ? 19   THR B CG2 1 
ATOM   478 N N   . GLY B 1 20 ? -6.346  3.704   6.329   1.00 10.99 ? 20   GLY B N   1 
ATOM   479 C CA  . GLY B 1 20 ? -6.089  4.724   7.341   1.00 13.14 ? 20   GLY B CA  1 
ATOM   480 C C   . GLY B 1 20 ? -4.756  5.418   7.194   1.00 17.62 ? 20   GLY B C   1 
ATOM   481 O O   . GLY B 1 20 ? -4.359  6.262   8.013   1.00 14.00 ? 20   GLY B O   1 
ATOM   482 N N   . ALA B 1 21 ? -4.011  5.104   6.126   1.00 13.63 ? 21   ALA B N   1 
ATOM   483 C CA  . ALA B 1 21 ? -2.648  5.640   6.016   1.00 11.83 ? 21   ALA B CA  1 
ATOM   484 C C   . ALA B 1 21 ? -2.591  7.045   5.444   1.00 10.46 ? 21   ALA B C   1 
ATOM   485 O O   . ALA B 1 21 ? -3.512  7.472   4.748   1.00 11.36 ? 21   ALA B O   1 
ATOM   486 C CB  . ALA B 1 21 ? -1.814  4.695   5.156   1.00 11.20 ? 21   ALA B CB  1 
ATOM   487 N N   . PRO B 1 22 ? -1.508  7.759   5.740   1.00 11.70 ? 22   PRO B N   1 
ATOM   488 C CA  . PRO B 1 22 ? -1.323  9.144   5.284   1.00 19.55 ? 22   PRO B CA  1 
ATOM   489 C C   . PRO B 1 22 ? -1.230  9.276   3.765   1.00 14.33 ? 22   PRO B C   1 
ATOM   490 O O   . PRO B 1 22 ? -0.712  8.404   3.074   1.00 9.20  ? 22   PRO B O   1 
ATOM   491 C CB  . PRO B 1 22 ? 0.021   9.563   5.913   1.00 11.57 ? 22   PRO B CB  1 
ATOM   492 C CG  . PRO B 1 22 ? 0.123   8.637   7.091   1.00 16.02 ? 22   PRO B CG  1 
ATOM   493 C CD  . PRO B 1 22 ? -0.355  7.301   6.548   1.00 10.88 ? 22   PRO B CD  1 
ATOM   494 N N   . ARG B 1 23 ? -1.736  10.389  3.258   1.00 13.33 ? 23   ARG B N   1 
ATOM   495 C CA  . ARG B 1 23 ? -1.729  10.596  1.809   1.00 13.71 ? 23   ARG B CA  1 
ATOM   496 C C   . ARG B 1 23 ? -0.348  10.496  1.199   1.00 11.58 ? 23   ARG B C   1 
ATOM   497 O O   . ARG B 1 23 ? -0.201  9.860   0.146   1.00 15.66 ? 23   ARG B O   1 
ATOM   498 C CB  . ARG B 1 23 ? -2.335  11.969  1.501   1.00 11.38 ? 23   ARG B CB  1 
ATOM   499 C CG  . ARG B 1 23 ? -3.790  12.105  1.918   1.00 12.55 ? 23   ARG B CG  1 
ATOM   500 C CD  . ARG B 1 23 ? -4.234  13.552  1.620   1.00 22.47 ? 23   ARG B CD  1 
ATOM   501 N NE  . ARG B 1 23 ? -5.646  13.677  1.971   1.00 33.32 ? 23   ARG B NE  1 
ATOM   502 C CZ  . ARG B 1 23 ? -6.069  14.383  3.017   1.00 51.71 ? 23   ARG B CZ  1 
ATOM   503 N NH1 . ARG B 1 23 ? -5.176  15.010  3.773   1.00 60.67 ? 23   ARG B NH1 1 
ATOM   504 N NH2 . ARG B 1 23 ? -7.368  14.453  3.288   1.00 46.69 ? 23   ARG B NH2 1 
ATOM   505 N N   . PRO B 1 24 ? 0.723   11.059  1.725   1.00 10.09 ? 24   PRO B N   1 
ATOM   506 C CA  . PRO B 1 24 ? 2.010   10.885  1.027   1.00 13.00 ? 24   PRO B CA  1 
ATOM   507 C C   . PRO B 1 24 ? 2.432   9.426   0.972   1.00 14.45 ? 24   PRO B C   1 
ATOM   508 O O   . PRO B 1 24 ? 3.069   8.973   0.010   1.00 13.49 ? 24   PRO B O   1 
ATOM   509 C CB  . PRO B 1 24 ? 3.015   11.673  1.873   1.00 13.64 ? 24   PRO B CB  1 
ATOM   510 C CG  . PRO B 1 24 ? 2.191   12.544  2.752   1.00 14.93 ? 24   PRO B CG  1 
ATOM   511 C CD  . PRO B 1 24 ? 0.854   11.869  2.945   1.00 11.68 ? 24   PRO B CD  1 
ATOM   512 N N   . THR B 1 25 ? 2.091   8.671   2.015   1.00 10.93 ? 25   THR B N   1 
ATOM   513 C CA  . THR B 1 25 ? 2.457   7.254   2.015   1.00 8.34  ? 25   THR B CA  1 
ATOM   514 C C   . THR B 1 25 ? 1.724   6.522   0.881   1.00 9.67  ? 25   THR B C   1 
ATOM   515 O O   . THR B 1 25 ? 2.316   5.697   0.178   1.00 11.02 ? 25   THR B O   1 
ATOM   516 C CB  . THR B 1 25 ? 2.124   6.594   3.365   1.00 10.81 ? 25   THR B CB  1 
ATOM   517 O OG1 . THR B 1 25 ? 2.927   7.267   4.343   1.00 14.67 ? 25   THR B OG1 1 
ATOM   518 C CG2 . THR B 1 25 ? 2.493   5.114   3.429   1.00 13.23 ? 25   THR B CG2 1 
ATOM   519 N N   . CYS B 1 26 ? 0.442   6.856   0.746   1.00 7.99  ? 26   CYS B N   1 
ATOM   520 C CA  . CYS B 1 26 ? -0.382  6.170   -0.245  1.00 12.38 ? 26   CYS B CA  1 
ATOM   521 C C   . CYS B 1 26 ? -0.003  6.594   -1.659  1.00 12.92 ? 26   CYS B C   1 
ATOM   522 O O   . CYS B 1 26 ? -0.061  5.771   -2.576  1.00 13.94 ? 26   CYS B O   1 
ATOM   523 C CB  . CYS B 1 26 ? -1.841  6.467   0.066   1.00 10.62 ? 26   CYS B CB  1 
ATOM   524 S SG  . CYS B 1 26 ? -2.422  5.629   1.554   1.00 12.33 ? 26   CYS B SG  1 
ATOM   525 N N   . ALA B 1 27 ? 0.389   7.854   -1.801  1.00 13.08 ? 27   ALA B N   1 
ATOM   526 C CA  . ALA B 1 27 ? 0.934   8.389   -3.050  1.00 12.17 ? 27   ALA B CA  1 
ATOM   527 C C   . ALA B 1 27 ? 2.164   7.619   -3.530  1.00 15.17 ? 27   ALA B C   1 
ATOM   528 O O   . ALA B 1 27 ? 2.234   7.109   -4.656  1.00 14.04 ? 27   ALA B O   1 
ATOM   529 C CB  . ALA B 1 27 ? 1.254   9.865   -2.839  1.00 9.64  ? 27   ALA B CB  1 
ATOM   530 N N   . LYS B 1 28 ? 3.178   7.501   -2.674  1.00 10.89 ? 28   LYS B N   1 
ATOM   531 C CA  . LYS B 1 28 ? 4.407   6.791   -2.959  1.00 7.31  ? 28   LYS B CA  1 
ATOM   532 C C   . LYS B 1 28 ? 4.129   5.358   -3.386  1.00 10.40 ? 28   LYS B C   1 
ATOM   533 O O   . LYS B 1 28 ? 4.727   4.829   -4.316  1.00 13.35 ? 28   LYS B O   1 
ATOM   534 C CB  . LYS B 1 28 ? 5.280   6.824   -1.708  1.00 12.28 ? 28   LYS B CB  1 
ATOM   535 C CG  . LYS B 1 28 ? 6.755   6.519   -1.856  1.00 29.33 ? 28   LYS B CG  1 
ATOM   536 C CD  . LYS B 1 28 ? 7.464   6.764   -0.520  1.00 32.70 ? 28   LYS B CD  1 
ATOM   537 C CE  . LYS B 1 28 ? 8.887   7.248   -0.706  1.00 39.53 ? 28   LYS B CE  1 
ATOM   538 N NZ  . LYS B 1 28 ? 9.797   6.220   -1.271  1.00 34.04 ? 28   LYS B NZ  1 
ATOM   539 N N   . LEU B 1 29 ? 3.198   4.727   -2.676  1.00 9.33  ? 29   LEU B N   1 
ATOM   540 C CA  . LEU B 1 29 ? 2.848   3.338   -2.919  1.00 14.29 ? 29   LEU B CA  1 
ATOM   541 C C   . LEU B 1 29 ? 2.187   3.106   -4.264  1.00 14.83 ? 29   LEU B C   1 
ATOM   542 O O   . LEU B 1 29 ? 2.215   2.008   -4.838  1.00 20.94 ? 29   LEU B O   1 
ATOM   543 C CB  . LEU B 1 29 ? 1.854   2.861   -1.836  1.00 14.39 ? 29   LEU B CB  1 
ATOM   544 C CG  . LEU B 1 29 ? 2.465   2.501   -0.488  1.00 18.50 ? 29   LEU B CG  1 
ATOM   545 C CD1 . LEU B 1 29 ? 1.392   1.993   0.470   1.00 24.04 ? 29   LEU B CD1 1 
ATOM   546 C CD2 . LEU B 1 29 ? 3.565   1.460   -0.635  1.00 33.87 ? 29   LEU B CD2 1 
ATOM   547 N N   . SER B 1 30 ? 1.536   4.134   -4.788  1.00 11.66 ? 30   SER B N   1 
ATOM   548 C CA  . SER B 1 30 ? 0.631   3.936   -5.910  1.00 8.59  ? 30   SER B CA  1 
ATOM   549 C C   . SER B 1 30 ? 1.128   4.596   -7.196  1.00 15.12 ? 30   SER B C   1 
ATOM   550 O O   . SER B 1 30 ? 0.590   4.312   -8.270  1.00 9.35  ? 30   SER B O   1 
ATOM   551 C CB  . SER B 1 30 ? -0.729  4.538   -5.525  1.00 10.38 ? 30   SER B CB  1 
ATOM   552 O OG  . SER B 1 30 ? -0.540  5.941   -5.248  1.00 11.97 ? 30   SER B OG  1 
ATOM   553 N N   . GLY B 1 31 ? 2.114   5.474   -7.027  1.00 14.73 ? 31   GLY B N   1 
ATOM   554 C CA  . GLY B 1 31 ? 2.642   6.302   -8.093  1.00 16.20 ? 31   GLY B CA  1 
ATOM   555 C C   . GLY B 1 31 ? 1.864   7.580   -8.327  1.00 14.36 ? 31   GLY B C   1 
ATOM   556 O O   . GLY B 1 31 ? 2.097   8.343   -9.271  1.00 13.74 ? 31   GLY B O   1 
ATOM   557 N N   . CYS B 1 32 ? 0.903   7.895   -7.482  1.00 7.89  ? 32   CYS B N   1 
ATOM   558 C CA  . CYS B 1 32 ? 0.151   9.132   -7.516  1.00 9.20  ? 32   CYS B CA  1 
ATOM   559 C C   . CYS B 1 32 ? 0.923   10.247  -6.811  1.00 13.28 ? 32   CYS B C   1 
ATOM   560 O O   . CYS B 1 32 ? 1.916   9.991   -6.128  1.00 16.16 ? 32   CYS B O   1 
ATOM   561 C CB  . CYS B 1 32 ? -1.207  9.007   -6.819  1.00 12.01 ? 32   CYS B CB  1 
ATOM   562 S SG  . CYS B 1 32 ? -2.174  7.585   -7.410  1.00 14.73 ? 32   CYS B SG  1 
ATOM   563 N N   . LYS B 1 33 ? 0.447   11.461  -7.019  1.00 12.65 ? 33   LYS B N   1 
ATOM   564 C CA  . LYS B 1 33 ? 1.133   12.610  -6.430  1.00 16.72 ? 33   LYS B CA  1 
ATOM   565 C C   . LYS B 1 33 ? 0.155   13.407  -5.590  1.00 16.57 ? 33   LYS B C   1 
ATOM   566 O O   . LYS B 1 33 ? -1.004  13.428  -5.972  1.00 13.23 ? 33   LYS B O   1 
ATOM   567 C CB  . LYS B 1 33 ? 1.684   13.526  -7.525  1.00 18.12 ? 33   LYS B CB  1 
ATOM   568 C CG  . LYS B 1 33 ? 3.144   13.209  -7.862  1.00 26.60 ? 33   LYS B CG  1 
ATOM   569 C CD  . LYS B 1 33 ? 3.708   14.343  -8.715  1.00 34.96 ? 33   LYS B CD  1 
ATOM   570 C CE  . LYS B 1 33 ? 5.222   14.258  -8.817  1.00 45.22 ? 33   LYS B CE  1 
ATOM   571 N NZ  . LYS B 1 33 ? 5.660   13.414  -9.958  1.00 51.10 ? 33   LYS B NZ  1 
ATOM   572 N N   . ILE B 1 34 ? 0.628   14.031  -4.523  1.00 15.33 ? 34   ILE B N   1 
ATOM   573 C CA  . ILE B 1 34 ? -0.259  14.916  -3.775  1.00 15.09 ? 34   ILE B CA  1 
ATOM   574 C C   . ILE B 1 34 ? 0.044   16.377  -4.101  1.00 24.83 ? 34   ILE B C   1 
ATOM   575 O O   . ILE B 1 34 ? 1.175   16.823  -3.870  1.00 20.72 ? 34   ILE B O   1 
ATOM   576 C CB  . ILE B 1 34 ? -0.105  14.699  -2.264  1.00 16.55 ? 34   ILE B CB  1 
ATOM   577 C CG1 . ILE B 1 34 ? -0.260  13.233  -1.845  1.00 12.85 ? 34   ILE B CG1 1 
ATOM   578 C CG2 . ILE B 1 34 ? -1.085  15.570  -1.495  1.00 41.55 ? 34   ILE B CG2 1 
ATOM   579 C CD1 . ILE B 1 34 ? -1.598  12.702  -2.331  1.00 11.75 ? 34   ILE B CD1 1 
ATOM   580 N N   . ILE B 1 35 ? -0.950  17.105  -4.610  1.00 14.46 ? 35   ILE B N   1 
ATOM   581 C CA  . ILE B 1 35 ? -0.735  18.525  -4.901  1.00 18.80 ? 35   ILE B CA  1 
ATOM   582 C C   . ILE B 1 35 ? -1.429  19.407  -3.878  1.00 30.12 ? 35   ILE B C   1 
ATOM   583 O O   . ILE B 1 35 ? -2.327  18.933  -3.184  1.00 22.83 ? 35   ILE B O   1 
ATOM   584 C CB  . ILE B 1 35 ? -1.249  18.874  -6.304  1.00 16.55 ? 35   ILE B CB  1 
ATOM   585 C CG1 . ILE B 1 35 ? -2.738  18.572  -6.500  1.00 19.56 ? 35   ILE B CG1 1 
ATOM   586 C CG2 . ILE B 1 35 ? -0.369  18.186  -7.342  1.00 16.66 ? 35   ILE B CG2 1 
ATOM   587 C CD1 . ILE B 1 35 ? -3.382  19.382  -7.598  1.00 24.13 ? 35   ILE B CD1 1 
ATOM   588 N N   . SER B 1 36 ? -1.047  20.678  -3.761  1.00 33.11 ? 36   SER B N   1 
ATOM   589 C CA  . SER B 1 36 ? -1.699  21.519  -2.753  1.00 28.51 ? 36   SER B CA  1 
ATOM   590 C C   . SER B 1 36 ? -2.891  22.238  -3.375  1.00 23.38 ? 36   SER B C   1 
ATOM   591 O O   . SER B 1 36 ? -3.828  22.591  -2.656  1.00 30.76 ? 36   SER B O   1 
ATOM   592 C CB  . SER B 1 36 ? -0.696  22.510  -2.160  1.00 30.89 ? 36   SER B CB  1 
ATOM   593 O OG  . SER B 1 36 ? -0.116  23.252  -3.227  1.00 24.29 ? 36   SER B OG  1 
ATOM   594 N N   . GLY B 1 37 ? -2.830  22.416  -4.682  1.00 21.25 ? 37   GLY B N   1 
ATOM   595 C CA  . GLY B 1 37 ? -3.810  23.066  -5.519  1.00 25.19 ? 37   GLY B CA  1 
ATOM   596 C C   . GLY B 1 37 ? -5.047  22.248  -5.819  1.00 31.02 ? 37   GLY B C   1 
ATOM   597 O O   . GLY B 1 37 ? -5.224  21.148  -5.284  1.00 31.18 ? 37   GLY B O   1 
ATOM   598 N N   . SER B 1 38 ? -5.959  22.736  -6.670  1.00 31.39 ? 38   SER B N   1 
ATOM   599 C CA  . SER B 1 38 ? -7.239  22.049  -6.842  1.00 28.41 ? 38   SER B CA  1 
ATOM   600 C C   . SER B 1 38 ? -7.354  21.341  -8.180  1.00 27.63 ? 38   SER B C   1 
ATOM   601 O O   . SER B 1 38 ? -8.333  20.634  -8.423  1.00 22.42 ? 38   SER B O   1 
ATOM   602 C CB  . SER B 1 38 ? -8.394  23.053  -6.715  1.00 36.01 ? 38   SER B CB  1 
ATOM   603 O OG  . SER B 1 38 ? -8.465  23.860  -7.883  1.00 44.95 ? 38   SER B OG  1 
ATOM   604 N N   . THR B 1 39 ? -6.363  21.540  -9.052  1.00 25.24 ? 39   THR B N   1 
ATOM   605 C CA  . THR B 1 39 ? -6.418  20.925  -10.377 1.00 25.15 ? 39   THR B CA  1 
ATOM   606 C C   . THR B 1 39 ? -5.164  20.107  -10.662 1.00 23.20 ? 39   THR B C   1 
ATOM   607 O O   . THR B 1 39 ? -4.040  20.594  -10.625 1.00 22.16 ? 39   THR B O   1 
ATOM   608 C CB  . THR B 1 39 ? -6.614  21.982  -11.477 1.00 28.95 ? 39   THR B CB  1 
ATOM   609 O OG1 . THR B 1 39 ? -5.342  22.377  -11.990 1.00 62.10 ? 39   THR B OG1 1 
ATOM   610 C CG2 . THR B 1 39 ? -7.266  23.226  -10.884 1.00 34.93 ? 39   THR B CG2 1 
ATOM   611 N N   . CYS B 1 40 ? -5.382  18.830  -10.933 1.00 17.33 ? 40   CYS B N   1 
ATOM   612 C CA  . CYS B 1 40 ? -4.299  17.878  -11.166 1.00 17.53 ? 40   CYS B CA  1 
ATOM   613 C C   . CYS B 1 40 ? -3.561  18.215  -12.442 1.00 20.30 ? 40   CYS B C   1 
ATOM   614 O O   . CYS B 1 40 ? -4.210  18.682  -13.387 1.00 20.35 ? 40   CYS B O   1 
ATOM   615 C CB  . CYS B 1 40 ? -4.892  16.465  -11.238 1.00 18.33 ? 40   CYS B CB  1 
ATOM   616 S SG  . CYS B 1 40 ? -5.339  15.789  -9.610  1.00 17.01 ? 40   CYS B SG  1 
ATOM   617 N N   . PRO B 1 41 ? -2.264  17.994  -12.550 1.00 19.08 ? 41   PRO B N   1 
ATOM   618 C CA  . PRO B 1 41 ? -1.645  18.192  -13.870 1.00 16.23 ? 41   PRO B CA  1 
ATOM   619 C C   . PRO B 1 41 ? -2.197  17.158  -14.854 1.00 20.46 ? 41   PRO B C   1 
ATOM   620 O O   . PRO B 1 41 ? -2.768  16.121  -14.501 1.00 17.94 ? 41   PRO B O   1 
ATOM   621 C CB  . PRO B 1 41 ? -0.160  17.944  -13.604 1.00 16.29 ? 41   PRO B CB  1 
ATOM   622 C CG  . PRO B 1 41 ? -0.145  17.022  -12.423 1.00 11.59 ? 41   PRO B CG  1 
ATOM   623 C CD  . PRO B 1 41 ? -1.272  17.538  -11.555 1.00 12.67 ? 41   PRO B CD  1 
ATOM   624 N N   . SER B 1 42 ? -2.014  17.457  -16.136 1.00 14.94 ? 42   SER B N   1 
ATOM   625 C CA  . SER B 1 42 ? -2.560  16.669  -17.212 1.00 14.77 ? 42   SER B CA  1 
ATOM   626 C C   . SER B 1 42 ? -1.987  15.262  -17.284 1.00 18.39 ? 42   SER B C   1 
ATOM   627 O O   . SER B 1 42 ? -2.622  14.344  -17.827 1.00 21.41 ? 42   SER B O   1 
ATOM   628 C CB  . SER B 1 42 ? -2.238  17.401  -18.529 1.00 15.60 ? 42   SER B CB  1 
ATOM   629 O OG  . SER B 1 42 ? -0.824  17.630  -18.495 1.00 28.32 ? 42   SER B OG  1 
ATOM   630 N N   . ASP B 1 43 ? -0.782  15.069  -16.761 1.00 13.20 ? 43   ASP B N   1 
ATOM   631 C CA  . ASP B 1 43 ? -0.213  13.720  -16.833 1.00 16.92 ? 43   ASP B CA  1 
ATOM   632 C C   . ASP B 1 43 ? -0.507  12.909  -15.573 1.00 20.00 ? 43   ASP B C   1 
ATOM   633 O O   . ASP B 1 43 ? -0.059  11.771  -15.433 1.00 13.36 ? 43   ASP B O   1 
ATOM   634 C CB  . ASP B 1 43 ? 1.286   13.794  -17.097 1.00 23.16 ? 43   ASP B CB  1 
ATOM   635 C CG  . ASP B 1 43 ? 2.046   14.693  -16.147 1.00 20.10 ? 43   ASP B CG  1 
ATOM   636 O OD1 . ASP B 1 43 ? 1.484   15.652  -15.586 1.00 16.76 ? 43   ASP B OD1 1 
ATOM   637 O OD2 . ASP B 1 43 ? 3.248   14.403  -15.978 1.00 19.65 ? 43   ASP B OD2 1 
ATOM   638 N N   . TYR B 1 44 ? -1.252  13.487  -14.644 1.00 22.83 ? 44   TYR B N   1 
ATOM   639 C CA  . TYR B 1 44 ? -1.755  12.781  -13.468 1.00 16.21 ? 44   TYR B CA  1 
ATOM   640 C C   . TYR B 1 44 ? -3.252  13.023  -13.386 1.00 19.25 ? 44   TYR B C   1 
ATOM   641 O O   . TYR B 1 44 ? -3.692  13.620  -12.402 1.00 21.34 ? 44   TYR B O   1 
ATOM   642 C CB  . TYR B 1 44 ? -1.050  13.240  -12.174 1.00 15.12 ? 44   TYR B CB  1 
ATOM   643 C CG  . TYR B 1 44 ? 0.364   12.695  -12.139 1.00 14.94 ? 44   TYR B CG  1 
ATOM   644 C CD1 . TYR B 1 44 ? 1.358   13.314  -12.890 1.00 21.83 ? 44   TYR B CD1 1 
ATOM   645 C CD2 . TYR B 1 44 ? 0.724   11.587  -11.391 1.00 11.87 ? 44   TYR B CD2 1 
ATOM   646 C CE1 . TYR B 1 44 ? 2.659   12.845  -12.888 1.00 20.36 ? 44   TYR B CE1 1 
ATOM   647 C CE2 . TYR B 1 44 ? 2.020   11.105  -11.390 1.00 13.23 ? 44   TYR B CE2 1 
ATOM   648 C CZ  . TYR B 1 44 ? 2.989   11.735  -12.137 1.00 18.85 ? 44   TYR B CZ  1 
ATOM   649 O OH  . TYR B 1 44 ? 4.300   11.293  -12.164 1.00 25.13 ? 44   TYR B OH  1 
ATOM   650 N N   . PRO B 1 45 ? -4.043  12.612  -14.372 1.00 21.96 ? 45   PRO B N   1 
ATOM   651 C CA  . PRO B 1 45 ? -5.457  12.993  -14.399 1.00 20.12 ? 45   PRO B CA  1 
ATOM   652 C C   . PRO B 1 45 ? -6.415  12.047  -13.697 1.00 27.16 ? 45   PRO B C   1 
ATOM   653 O O   . PRO B 1 45 ? -7.618  12.332  -13.669 1.00 37.05 ? 45   PRO B O   1 
ATOM   654 C CB  . PRO B 1 45 ? -5.782  12.896  -15.905 1.00 16.16 ? 45   PRO B CB  1 
ATOM   655 C CG  . PRO B 1 45 ? -5.006  11.679  -16.301 1.00 16.78 ? 45   PRO B CG  1 
ATOM   656 C CD  . PRO B 1 45 ? -3.707  11.767  -15.529 1.00 19.33 ? 45   PRO B CD  1 
ATOM   657 N N   . LYS B 1 46 ? -5.938  10.923  -13.165 1.00 16.12 ? 46   LYS B N   1 
ATOM   658 C CA  . LYS B 1 46 ? -6.875  9.965   -12.571 1.00 16.97 ? 46   LYS B CA  1 
ATOM   659 C C   . LYS B 1 46 ? -7.020  10.113  -11.061 1.00 18.03 ? 46   LYS B C   1 
ATOM   660 O O   . LYS B 1 46 ? -6.302  10.886  -10.404 1.00 13.13 ? 46   LYS B O   1 
ATOM   661 C CB  . LYS B 1 46 ? -6.452  8.536   -12.921 1.00 16.92 ? 46   LYS B CB  1 
ATOM   662 C CG  . LYS B 1 46 ? -6.179  8.310   -14.402 1.00 26.06 ? 46   LYS B CG  1 
ATOM   663 C CD  . LYS B 1 46 ? -7.393  7.724   -15.096 1.00 34.43 ? 46   LYS B CD  1 
ATOM   664 C CE  . LYS B 1 46 ? -7.013  7.110   -16.436 1.00 45.65 ? 46   LYS B CE  1 
ATOM   665 N NZ  . LYS B 1 46 ? -7.851  7.664   -17.542 1.00 61.44 ? 46   LYS B NZ  1 
ATOM   666 O OXT . LYS B 1 46 ? -7.916  9.404   -10.534 1.00 22.91 ? 46   LYS B OXT 1 
HETATM 667 P P   . PO4 C 2 .  ? 9.255   -7.665  9.109   1.00 31.83 ? 1047 PO4 A P   1 
HETATM 668 O O1  . PO4 C 2 .  ? 10.118  -6.433  9.114   1.00 45.20 ? 1047 PO4 A O1  1 
HETATM 669 O O2  . PO4 C 2 .  ? 8.549   -7.771  7.792   1.00 29.99 ? 1047 PO4 A O2  1 
HETATM 670 O O3  . PO4 C 2 .  ? 8.247   -7.571  10.218  1.00 32.37 ? 1047 PO4 A O3  1 
HETATM 671 O O4  . PO4 C 2 .  ? 10.115  -8.877  9.325   1.00 34.07 ? 1047 PO4 A O4  1 
HETATM 672 S S   . SO4 D 3 .  ? 6.501   -19.326 18.371  1.00 27.70 ? 1048 SO4 A S   1 
HETATM 673 O O1  . SO4 D 3 .  ? 7.950   -19.023 18.606  1.00 45.24 ? 1048 SO4 A O1  1 
HETATM 674 O O2  . SO4 D 3 .  ? 6.031   -18.558 17.159  1.00 48.21 ? 1048 SO4 A O2  1 
HETATM 675 O O3  . SO4 D 3 .  ? 5.699   -18.899 19.559  1.00 56.63 ? 1048 SO4 A O3  1 
HETATM 676 O O4  . SO4 D 3 .  ? 6.327   -20.789 18.128  1.00 22.25 ? 1048 SO4 A O4  1 
HETATM 677 P P   A PO4 E 2 .  ? -7.286  12.868  -1.116  0.50 37.16 ? 1047 PO4 B P   1 
HETATM 678 P P   B PO4 E 2 .  ? -7.758  14.564  -1.219  0.50 42.11 ? 1047 PO4 B P   1 
HETATM 679 O O1  A PO4 E 2 .  ? -6.432  11.639  -1.086  0.50 17.49 ? 1047 PO4 B O1  1 
HETATM 680 O O1  B PO4 E 2 .  ? -8.042  16.024  -1.014  0.50 40.11 ? 1047 PO4 B O1  1 
HETATM 681 O O2  A PO4 E 2 .  ? -8.341  12.768  -0.049  0.50 34.25 ? 1047 PO4 B O2  1 
HETATM 682 O O2  B PO4 E 2 .  ? -8.708  13.755  -0.384  0.50 37.35 ? 1047 PO4 B O2  1 
HETATM 683 O O3  A PO4 E 2 .  ? -7.951  12.992  -2.458  0.50 35.56 ? 1047 PO4 B O3  1 
HETATM 684 O O3  B PO4 E 2 .  ? -6.350  14.256  -0.810  0.50 35.53 ? 1047 PO4 B O3  1 
HETATM 685 O O4  A PO4 E 2 .  ? -6.439  14.078  -0.861  0.50 33.26 ? 1047 PO4 B O4  1 
HETATM 686 O O4  B PO4 E 2 .  ? -7.949  14.213  -2.667  0.50 29.69 ? 1047 PO4 B O4  1 
HETATM 687 O O   . HOH F 4 .  ? 1.981   -6.017  -6.345  0.50 35.47 ? 2001 HOH A O   1 
HETATM 688 O O   . HOH F 4 .  ? 0.835   -7.907  -7.299  1.00 36.70 ? 2002 HOH A O   1 
HETATM 689 O O   . HOH F 4 .  ? 11.386  -11.361 2.941   1.00 35.11 ? 2003 HOH A O   1 
HETATM 690 O O   . HOH F 4 .  ? -3.353  -28.530 4.948   1.00 45.44 ? 2004 HOH A O   1 
HETATM 691 O O   . HOH F 4 .  ? -0.147  -19.476 -2.987  1.00 34.77 ? 2005 HOH A O   1 
HETATM 692 O O   . HOH F 4 .  ? -1.848  -15.702 -4.491  1.00 21.26 ? 2006 HOH A O   1 
HETATM 693 O O   . HOH F 4 .  ? 7.836   -13.371 -3.279  1.00 44.52 ? 2007 HOH A O   1 
HETATM 694 O O   . HOH F 4 .  ? 0.618   -11.516 -7.238  1.00 38.64 ? 2008 HOH A O   1 
HETATM 695 O O   . HOH F 4 .  ? 6.873   -11.842 -7.878  1.00 36.43 ? 2009 HOH A O   1 
HETATM 696 O O   . HOH F 4 .  ? 5.382   -13.582 -7.637  1.00 33.90 ? 2010 HOH A O   1 
HETATM 697 O O   . HOH F 4 .  ? 7.338   -7.468  -5.499  1.00 34.95 ? 2011 HOH A O   1 
HETATM 698 O O   . HOH F 4 .  ? 3.084   -13.748 -7.993  1.00 35.18 ? 2012 HOH A O   1 
HETATM 699 O O   . HOH F 4 .  ? -7.280  -9.877  6.077   1.00 40.96 ? 2013 HOH A O   1 
HETATM 700 O O   . HOH F 4 .  ? -7.076  -15.614 12.307  1.00 49.75 ? 2014 HOH A O   1 
HETATM 701 O O   . HOH F 4 .  ? 1.938   -4.439  14.061  1.00 33.83 ? 2015 HOH A O   1 
HETATM 702 O O   . HOH F 4 .  ? 10.029  -9.421  3.927   1.00 57.21 ? 2016 HOH A O   1 
HETATM 703 O O   . HOH F 4 .  ? 9.942   -12.554 0.924   1.00 24.13 ? 2017 HOH A O   1 
HETATM 704 O O   . HOH F 4 .  ? -2.693  -25.460 4.793   1.00 62.43 ? 2018 HOH A O   1 
HETATM 705 O O   . HOH F 4 .  ? 10.774  0.830   9.041   1.00 38.85 ? 2019 HOH A O   1 
HETATM 706 O O   . HOH F 4 .  ? 12.634  -4.368  6.751   1.00 41.32 ? 2020 HOH A O   1 
HETATM 707 O O   . HOH F 4 .  ? 10.348  -5.296  6.420   1.00 27.10 ? 2021 HOH A O   1 
HETATM 708 O O   . HOH F 4 .  ? 12.656  0.611   5.079   1.00 62.48 ? 2022 HOH A O   1 
HETATM 709 O O   . HOH F 4 .  ? 13.950  -0.037  -0.804  1.00 40.36 ? 2023 HOH A O   1 
HETATM 710 O O   . HOH F 4 .  ? 12.586  3.440   1.435   1.00 40.13 ? 2024 HOH A O   1 
HETATM 711 O O   . HOH F 4 .  ? 4.857   4.428   0.827   1.00 17.89 ? 2025 HOH A O   1 
HETATM 712 O O   . HOH F 4 .  ? 7.034   -0.020  10.610  1.00 17.20 ? 2026 HOH A O   1 
HETATM 713 O O   . HOH F 4 .  ? -2.520  1.947   7.260   1.00 11.81 ? 2027 HOH A O   1 
HETATM 714 O O   . HOH F 4 .  ? -3.704  2.232   9.615   1.00 25.34 ? 2028 HOH A O   1 
HETATM 715 O O   . HOH F 4 .  ? -6.719  -3.139  1.406   1.00 32.57 ? 2029 HOH A O   1 
HETATM 716 O O   . HOH F 4 .  ? -3.360  -11.650 0.829   1.00 21.11 ? 2030 HOH A O   1 
HETATM 717 O O   . HOH F 4 .  ? -5.607  -11.732 5.329   1.00 20.78 ? 2031 HOH A O   1 
HETATM 718 O O   . HOH F 4 .  ? -3.983  -7.662  7.854   1.00 29.57 ? 2032 HOH A O   1 
HETATM 719 O O   . HOH F 4 .  ? -5.690  -14.329 13.615  1.00 43.18 ? 2033 HOH A O   1 
HETATM 720 O O   . HOH F 4 .  ? -0.475  -7.284  12.026  1.00 24.13 ? 2034 HOH A O   1 
HETATM 721 O O   . HOH F 4 .  ? -0.254  -10.632 15.050  1.00 33.71 ? 2035 HOH A O   1 
HETATM 722 O O   . HOH F 4 .  ? 6.242   -8.293  16.217  1.00 26.60 ? 2036 HOH A O   1 
HETATM 723 O O   . HOH F 4 .  ? 2.479   -12.071 17.751  1.00 27.85 ? 2037 HOH A O   1 
HETATM 724 O O   . HOH F 4 .  ? 10.591  -14.233 18.113  1.00 24.68 ? 2038 HOH A O   1 
HETATM 725 O O   . HOH F 4 .  ? 5.689   -13.326 22.072  1.00 60.13 ? 2039 HOH A O   1 
HETATM 726 O O   . HOH F 4 .  ? 9.684   -12.741 14.599  1.00 19.27 ? 2040 HOH A O   1 
HETATM 727 O O   . HOH F 4 .  ? 3.823   -14.612 17.457  1.00 23.00 ? 2041 HOH A O   1 
HETATM 728 O O   . HOH F 4 .  ? 7.719   -23.800 14.871  1.00 40.93 ? 2042 HOH A O   1 
HETATM 729 O O   . HOH F 4 .  ? 4.033   -17.627 16.121  1.00 39.97 ? 2043 HOH A O   1 
HETATM 730 O O   . HOH F 4 .  ? 6.984   -19.454 10.095  1.00 25.15 ? 2044 HOH A O   1 
HETATM 731 O O   . HOH F 4 .  ? -0.579  -24.061 6.039   1.00 37.27 ? 2045 HOH A O   1 
HETATM 732 O O   . HOH F 4 .  ? -1.174  -22.132 13.226  1.00 12.53 ? 2046 HOH A O   1 
HETATM 733 O O   . HOH F 4 .  ? -3.697  -16.839 12.303  1.00 19.07 ? 2047 HOH A O   1 
HETATM 734 O O   . HOH F 4 .  ? -6.713  -15.844 6.777   1.00 76.61 ? 2048 HOH A O   1 
HETATM 735 O O   . HOH F 4 .  ? -5.795  -18.215 3.767   1.00 53.92 ? 2049 HOH A O   1 
HETATM 736 O O   . HOH F 4 .  ? 4.751   -20.874 -3.040  1.00 33.78 ? 2050 HOH A O   1 
HETATM 737 O O   . HOH F 4 .  ? 6.641   -17.094 1.320   1.00 27.65 ? 2051 HOH A O   1 
HETATM 738 O O   . HOH F 4 .  ? 8.264   -8.091  12.786  1.00 15.16 ? 2052 HOH A O   1 
HETATM 739 O O   . HOH F 4 .  ? 9.487   -10.815 8.119   1.00 35.16 ? 2053 HOH A O   1 
HETATM 740 O O   . HOH F 4 .  ? 10.262  -7.526  5.538   1.00 42.52 ? 2054 HOH A O   1 
HETATM 741 O O   . HOH G 4 .  ? -10.702 19.469  -6.494  1.00 40.27 ? 2001 HOH B O   1 
HETATM 742 O O   . HOH G 4 .  ? -11.494 16.858  -10.117 1.00 39.82 ? 2002 HOH B O   1 
HETATM 743 O O   . HOH G 4 .  ? -10.645 16.905  -4.003  1.00 37.46 ? 2003 HOH B O   1 
HETATM 744 O O   . HOH G 4 .  ? -10.213 -1.289  -5.914  0.50 15.97 ? 2004 HOH B O   1 
HETATM 745 O O   . HOH G 4 .  ? -1.923  -4.503  -6.207  0.50 37.93 ? 2005 HOH B O   1 
HETATM 746 O O   . HOH G 4 .  ? -5.854  -2.979  -6.068  0.50 31.77 ? 2006 HOH B O   1 
HETATM 747 O O   . HOH G 4 .  ? -10.486 0.147   -4.143  1.00 30.47 ? 2007 HOH B O   1 
HETATM 748 O O   . HOH G 4 .  ? -5.326  4.333   -16.906 1.00 21.22 ? 2008 HOH B O   1 
HETATM 749 O O   . HOH G 4 .  ? -3.651  1.470   -14.956 1.00 21.14 ? 2009 HOH B O   1 
HETATM 750 O O   . HOH G 4 .  ? -3.205  4.019   11.265  1.00 36.20 ? 2010 HOH B O   1 
HETATM 751 O O   . HOH G 4 .  ? 5.563   6.972   7.831   1.00 20.64 ? 2011 HOH B O   1 
HETATM 752 O O   . HOH G 4 .  ? -5.917  -2.129  -11.383 1.00 22.35 ? 2012 HOH B O   1 
HETATM 753 O O   . HOH G 4 .  ? -5.874  -2.839  -8.478  1.00 26.32 ? 2013 HOH B O   1 
HETATM 754 O O   . HOH G 4 .  ? -11.031 -0.872  -11.736 1.00 27.94 ? 2014 HOH B O   1 
HETATM 755 O O   . HOH G 4 .  ? -10.603 3.741   -10.044 1.00 35.71 ? 2015 HOH B O   1 
HETATM 756 O O   . HOH G 4 .  ? 4.033   21.159  -2.771  1.00 39.34 ? 2016 HOH B O   1 
HETATM 757 O O   . HOH G 4 .  ? -11.596 7.756   -6.715  1.00 23.45 ? 2017 HOH B O   1 
HETATM 758 O O   . HOH G 4 .  ? -10.355 2.865   -6.464  1.00 38.46 ? 2018 HOH B O   1 
HETATM 759 O O   . HOH G 4 .  ? -8.958  -1.619  1.334   1.00 52.58 ? 2019 HOH B O   1 
HETATM 760 O O   . HOH G 4 .  ? -5.839  6.804   10.340  1.00 41.24 ? 2020 HOH B O   1 
HETATM 761 O O   . HOH G 4 .  ? -2.227  5.962   9.464   1.00 22.50 ? 2021 HOH B O   1 
HETATM 762 O O   . HOH G 4 .  ? 3.346   9.843   4.925   1.00 42.99 ? 2022 HOH B O   1 
HETATM 763 O O   . HOH G 4 .  ? 2.796   6.236   6.987   1.00 13.36 ? 2023 HOH B O   1 
HETATM 764 O O   . HOH G 4 .  ? 5.513   6.596   -6.274  1.00 26.05 ? 2024 HOH B O   1 
HETATM 765 O O   . HOH G 4 .  ? 8.346   3.876   -5.398  1.00 43.59 ? 2025 HOH B O   1 
HETATM 766 O O   . HOH G 4 .  ? 0.475   4.165   -10.932 1.00 16.11 ? 2026 HOH B O   1 
HETATM 767 O O   . HOH G 4 .  ? 3.686   7.630   -11.348 1.00 38.07 ? 2027 HOH B O   1 
HETATM 768 O O   . HOH G 4 .  ? 4.522   9.096   -6.193  1.00 21.28 ? 2028 HOH B O   1 
HETATM 769 O O   . HOH G 4 .  ? 3.104   13.668  -3.901  1.00 31.42 ? 2029 HOH B O   1 
HETATM 770 O O   . HOH G 4 .  ? 2.396   23.326  -3.979  1.00 31.46 ? 2030 HOH B O   1 
HETATM 771 O O   . HOH G 4 .  ? 1.215   21.271  -5.753  1.00 25.38 ? 2031 HOH B O   1 
HETATM 772 O O   . HOH G 4 .  ? -1.060  22.266  -7.579  1.00 23.66 ? 2032 HOH B O   1 
HETATM 773 O O   . HOH G 4 .  ? -2.744  22.140  -13.196 1.00 39.44 ? 2033 HOH B O   1 
HETATM 774 O O   . HOH G 4 .  ? -6.401  17.021  -14.509 1.00 49.58 ? 2034 HOH B O   1 
HETATM 775 O O   . HOH G 4 .  ? -8.106  17.961  -11.351 1.00 27.48 ? 2035 HOH B O   1 
HETATM 776 O O   . HOH G 4 .  ? -1.298  20.222  -16.934 1.00 17.28 ? 2036 HOH B O   1 
HETATM 777 O O   . HOH G 4 .  ? -4.932  14.398  -19.211 1.00 32.93 ? 2037 HOH B O   1 
HETATM 778 O O   . HOH G 4 .  ? -9.249  10.972  -15.331 1.00 40.83 ? 2038 HOH B O   1 
HETATM 779 O O   . HOH G 4 .  ? -10.194 7.819   -11.619 1.00 27.02 ? 2039 HOH B O   1 
HETATM 780 O O   . HOH G 4 .  ? -10.259 6.547   -16.050 1.00 58.53 ? 2040 HOH B O   1 
# 
